data_9B2O
#
_entry.id   9B2O
#
_cell.length_a   161.360
_cell.length_b   109.810
_cell.length_c   97.370
_cell.angle_alpha   90.00
_cell.angle_beta   116.35
_cell.angle_gamma   90.00
#
_symmetry.space_group_name_H-M   'C 1 2 1'
#
loop_
_entity.id
_entity.type
_entity.pdbx_description
1 polymer 'GcL lactonase'
2 non-polymer N-octanoyl-L-homoserine
3 non-polymer 'COBALT (II) ION'
4 non-polymer 'SULFATE ION'
5 non-polymer 'FE (III) ION'
6 water water
#
_entity_poly.entity_id   1
_entity_poly.type   'polypeptide(L)'
_entity_poly.pdbx_seq_one_letter_code
;WSHPQFEKENLYFQSMANVIKARPKLYVMDNGRMRMDKNWMIAMHNPATIHNPNAQTEFVEFPIYTVLIDHPEGKILFDT
SCNPNSMGPQGRWAESTQQMFPWTATEECYLHNRLEQLKVRPEDIRYVVASHLHLDHAGCLEMFTNATIIVHEDEFNGAL
QCYARNQKEGAYIWADIDAWIKNNLQWRTVKRHEDNILLAEGVKVLNFGSGHAWGMLGLHVELPETGGIILASDAIYTAE
SYGPPIKPPGIIYDSLGYMNTVERIRRIAQETKSQVWFGHDAEQFKKFRKSTEGYYE
;
_entity_poly.pdbx_strand_id   X,F,L
#
loop_
_chem_comp.id
_chem_comp.type
_chem_comp.name
_chem_comp.formula
A1AI3 non-polymer N-octanoyl-L-homoserine 'C12 H23 N O4'
CO non-polymer 'COBALT (II) ION' 'Co 2'
FE non-polymer 'FE (III) ION' 'Fe 3'
SO4 non-polymer 'SULFATE ION' 'O4 S -2'
#
# COMPACT_ATOMS: atom_id res chain seq x y z
N ALA A 22 25.33 1.20 31.08
CA ALA A 22 26.13 0.24 30.18
C ALA A 22 26.89 1.04 29.12
N ARG A 23 28.17 0.69 28.87
CA ARG A 23 29.08 1.32 27.87
C ARG A 23 29.55 0.25 26.88
N PRO A 24 28.64 -0.21 26.00
CA PRO A 24 28.99 -1.19 24.99
C PRO A 24 29.91 -0.64 23.91
N LYS A 25 30.54 -1.56 23.19
CA LYS A 25 31.24 -1.29 21.94
C LYS A 25 30.66 -2.12 20.79
N LEU A 26 30.27 -1.46 19.71
CA LEU A 26 29.67 -2.13 18.53
C LEU A 26 30.69 -2.13 17.39
N TYR A 27 30.94 -3.30 16.83
CA TYR A 27 31.93 -3.54 15.76
C TYR A 27 31.22 -3.98 14.49
N VAL A 28 31.63 -3.41 13.37
CA VAL A 28 31.23 -3.85 12.00
C VAL A 28 32.35 -4.74 11.47
N MET A 29 32.03 -5.99 11.16
CA MET A 29 33.02 -6.95 10.63
C MET A 29 32.78 -7.20 9.14
N ASP A 30 33.83 -6.98 8.35
CA ASP A 30 33.79 -7.15 6.88
C ASP A 30 33.92 -8.64 6.56
N ASN A 31 32.87 -9.26 6.00
CA ASN A 31 32.87 -10.72 5.71
C ASN A 31 32.89 -10.95 4.20
N GLY A 32 33.44 -10.01 3.45
CA GLY A 32 33.72 -10.20 2.01
C GLY A 32 32.63 -9.62 1.15
N ARG A 33 32.58 -10.06 -0.10
CA ARG A 33 31.85 -9.39 -1.21
C ARG A 33 31.10 -10.47 -2.00
N MET A 34 29.87 -10.15 -2.40
CA MET A 34 29.05 -11.00 -3.29
C MET A 34 28.71 -10.16 -4.51
N ARG A 35 28.41 -10.86 -5.59
CA ARG A 35 27.87 -10.27 -6.83
C ARG A 35 26.59 -11.02 -7.20
N MET A 36 25.67 -10.30 -7.80
CA MET A 36 24.48 -10.92 -8.42
C MET A 36 23.86 -9.95 -9.43
N ASP A 37 22.97 -10.48 -10.26
CA ASP A 37 22.13 -9.68 -11.17
C ASP A 37 21.55 -8.52 -10.38
N LYS A 38 21.64 -7.30 -10.90
CA LYS A 38 21.10 -6.12 -10.19
C LYS A 38 19.56 -6.22 -10.09
N ASN A 39 18.92 -6.97 -10.99
CA ASN A 39 17.43 -7.18 -10.95
C ASN A 39 17.02 -7.90 -9.65
N TRP A 40 17.87 -8.73 -9.04
CA TRP A 40 17.60 -9.28 -7.68
C TRP A 40 17.51 -8.13 -6.68
N MET A 41 18.37 -7.11 -6.82
CA MET A 41 18.53 -6.03 -5.83
C MET A 41 17.41 -5.00 -6.00
N ILE A 42 17.13 -4.64 -7.26
CA ILE A 42 16.17 -3.58 -7.69
C ILE A 42 15.33 -4.13 -8.85
N ALA A 43 14.12 -4.60 -8.53
CA ALA A 43 13.17 -5.20 -9.50
C ALA A 43 13.03 -4.29 -10.72
N MET A 44 13.19 -4.86 -11.93
CA MET A 44 12.90 -4.15 -13.21
C MET A 44 13.64 -2.83 -13.26
N HIS A 45 14.93 -2.84 -12.91
CA HIS A 45 15.73 -1.61 -12.81
C HIS A 45 15.94 -1.00 -14.19
N ASN A 46 15.88 -1.80 -15.27
CA ASN A 46 16.24 -1.33 -16.63
C ASN A 46 15.39 -2.09 -17.65
N PRO A 47 14.07 -1.83 -17.70
CA PRO A 47 13.16 -2.62 -18.53
C PRO A 47 13.47 -2.45 -20.03
N ALA A 48 13.35 -3.54 -20.79
CA ALA A 48 13.36 -3.52 -22.26
C ALA A 48 12.32 -2.52 -22.78
N THR A 49 12.64 -1.88 -23.90
CA THR A 49 11.79 -0.92 -24.64
C THR A 49 11.87 -1.29 -26.14
N ILE A 50 10.96 -0.74 -26.92
CA ILE A 50 10.93 -0.88 -28.41
C ILE A 50 12.35 -0.52 -28.93
N HIS A 51 13.01 0.51 -28.39
CA HIS A 51 14.38 0.95 -28.79
C HIS A 51 15.47 0.06 -28.16
N ASN A 52 15.21 -0.59 -27.02
CA ASN A 52 16.23 -1.46 -26.36
C ASN A 52 15.57 -2.78 -26.00
N PRO A 53 15.18 -3.60 -27.01
CA PRO A 53 14.34 -4.77 -26.79
C PRO A 53 15.07 -5.96 -26.13
N ASN A 54 16.40 -5.92 -26.16
CA ASN A 54 17.26 -6.96 -25.53
C ASN A 54 18.08 -6.33 -24.42
N ALA A 55 17.47 -5.45 -23.63
CA ALA A 55 18.14 -4.71 -22.55
C ALA A 55 19.00 -5.65 -21.73
N GLN A 56 20.17 -5.16 -21.38
CA GLN A 56 21.18 -5.89 -20.59
C GLN A 56 21.03 -5.49 -19.13
N THR A 57 21.21 -6.46 -18.27
CA THR A 57 21.38 -6.21 -16.83
C THR A 57 22.87 -6.01 -16.54
N GLU A 58 23.20 -5.89 -15.26
CA GLU A 58 24.57 -5.73 -14.72
C GLU A 58 24.73 -6.74 -13.60
N PHE A 59 25.97 -7.05 -13.27
CA PHE A 59 26.36 -8.01 -12.22
C PHE A 59 27.04 -7.18 -11.14
N VAL A 60 26.30 -6.80 -10.08
CA VAL A 60 26.73 -5.73 -9.13
C VAL A 60 27.31 -6.39 -7.88
N GLU A 61 28.31 -5.73 -7.31
CA GLU A 61 29.09 -6.20 -6.15
C GLU A 61 28.60 -5.52 -4.87
N PHE A 62 28.56 -6.24 -3.77
CA PHE A 62 28.05 -5.66 -2.51
C PHE A 62 28.69 -6.37 -1.33
N PRO A 63 28.76 -5.70 -0.18
CA PRO A 63 29.32 -6.27 1.02
C PRO A 63 28.38 -7.24 1.74
N ILE A 64 29.01 -8.24 2.32
CA ILE A 64 28.41 -9.11 3.38
C ILE A 64 29.09 -8.69 4.67
N TYR A 65 28.32 -8.39 5.70
CA TYR A 65 28.88 -7.99 7.01
C TYR A 65 28.01 -8.46 8.15
N THR A 66 28.60 -8.42 9.34
CA THR A 66 28.06 -8.83 10.63
C THR A 66 28.38 -7.74 11.66
N VAL A 67 27.60 -7.71 12.73
CA VAL A 67 27.73 -6.69 13.80
C VAL A 67 27.89 -7.43 15.11
N LEU A 68 28.96 -7.14 15.85
CA LEU A 68 29.17 -7.60 17.25
C LEU A 68 28.86 -6.45 18.19
N ILE A 69 27.98 -6.69 19.17
CA ILE A 69 27.76 -5.75 20.29
C ILE A 69 28.46 -6.36 21.51
N ASP A 70 29.62 -5.84 21.87
CA ASP A 70 30.33 -6.23 23.13
C ASP A 70 29.66 -5.49 24.27
N HIS A 71 28.68 -6.13 24.89
CA HIS A 71 27.80 -5.54 25.93
C HIS A 71 28.22 -6.13 27.26
N PRO A 72 28.22 -5.35 28.36
CA PRO A 72 28.52 -5.94 29.68
C PRO A 72 27.57 -7.08 30.08
N GLU A 73 26.33 -7.09 29.56
CA GLU A 73 25.37 -8.18 29.92
C GLU A 73 25.64 -9.40 29.06
N GLY A 74 26.55 -9.35 28.08
CA GLY A 74 26.93 -10.50 27.25
C GLY A 74 27.02 -10.09 25.80
N LYS A 75 27.85 -10.77 25.02
CA LYS A 75 28.14 -10.45 23.62
C LYS A 75 26.96 -10.87 22.74
N ILE A 76 26.52 -9.97 21.90
CA ILE A 76 25.39 -10.17 20.93
C ILE A 76 25.96 -10.06 19.53
N LEU A 77 25.74 -11.08 18.70
CA LEU A 77 26.10 -11.07 17.28
C LEU A 77 24.83 -10.92 16.42
N PHE A 78 24.83 -10.01 15.46
CA PHE A 78 23.75 -9.83 14.46
C PHE A 78 24.25 -10.38 13.12
N ASP A 79 23.67 -11.49 12.67
CA ASP A 79 24.01 -12.17 11.37
C ASP A 79 25.35 -12.89 11.51
N THR A 80 25.69 -13.78 10.57
CA THR A 80 26.87 -14.66 10.71
C THR A 80 27.59 -14.84 9.36
N SER A 81 27.17 -14.12 8.33
CA SER A 81 27.77 -14.14 6.98
C SER A 81 27.70 -15.55 6.38
N CYS A 82 28.64 -15.91 5.50
CA CYS A 82 28.60 -17.16 4.68
C CYS A 82 29.53 -18.20 5.32
N ASN A 83 29.24 -19.48 5.13
CA ASN A 83 30.15 -20.51 5.68
C ASN A 83 31.47 -20.45 4.90
N PRO A 84 32.64 -20.57 5.55
CA PRO A 84 33.91 -20.68 4.82
C PRO A 84 33.97 -21.81 3.77
N ASN A 85 33.14 -22.84 3.88
CA ASN A 85 33.11 -23.96 2.92
C ASN A 85 32.00 -23.77 1.88
N SER A 86 31.57 -22.54 1.62
CA SER A 86 30.42 -22.29 0.70
C SER A 86 30.84 -22.60 -0.75
N MET A 87 31.97 -22.03 -1.16
CA MET A 87 32.32 -21.92 -2.58
C MET A 87 33.29 -23.05 -2.97
N GLY A 88 33.38 -23.34 -4.26
CA GLY A 88 34.40 -24.24 -4.80
C GLY A 88 33.81 -25.59 -5.19
N PRO A 89 34.61 -26.44 -5.86
CA PRO A 89 34.12 -27.74 -6.35
C PRO A 89 33.59 -28.66 -5.24
N GLN A 90 34.19 -28.63 -4.04
CA GLN A 90 33.72 -29.37 -2.82
C GLN A 90 32.84 -28.46 -1.91
N GLY A 91 32.31 -27.36 -2.41
CA GLY A 91 31.59 -26.36 -1.60
C GLY A 91 30.19 -26.84 -1.25
N ARG A 92 29.61 -26.31 -0.17
CA ARG A 92 28.22 -26.59 0.29
C ARG A 92 27.21 -25.94 -0.67
N TRP A 93 27.54 -24.85 -1.33
CA TRP A 93 26.58 -24.19 -2.23
C TRP A 93 26.53 -25.01 -3.52
N ALA A 94 25.34 -25.24 -4.02
CA ALA A 94 25.09 -25.85 -5.35
C ALA A 94 25.78 -25.00 -6.43
N GLU A 95 26.14 -25.63 -7.54
CA GLU A 95 26.91 -24.98 -8.62
C GLU A 95 26.12 -23.79 -9.17
N SER A 96 24.82 -23.92 -9.40
CA SER A 96 23.96 -22.82 -9.89
C SER A 96 23.99 -21.65 -8.90
N THR A 97 23.98 -21.92 -7.59
CA THR A 97 24.05 -20.88 -6.54
C THR A 97 25.42 -20.16 -6.63
N GLN A 98 26.51 -20.91 -6.76
CA GLN A 98 27.87 -20.30 -6.83
C GLN A 98 28.02 -19.40 -8.06
N GLN A 99 27.29 -19.69 -9.13
CA GLN A 99 27.40 -18.94 -10.40
C GLN A 99 26.49 -17.70 -10.39
N MET A 100 25.36 -17.73 -9.67
CA MET A 100 24.42 -16.58 -9.64
C MET A 100 24.75 -15.62 -8.47
N PHE A 101 25.34 -16.14 -7.39
CA PHE A 101 25.61 -15.39 -6.13
C PHE A 101 27.03 -15.64 -5.63
N PRO A 102 28.08 -15.58 -6.50
CA PRO A 102 29.44 -15.86 -6.05
C PRO A 102 29.87 -14.97 -4.87
N TRP A 103 30.42 -15.60 -3.84
CA TRP A 103 31.01 -14.91 -2.67
C TRP A 103 32.55 -14.91 -2.80
N THR A 104 33.18 -13.76 -2.60
CA THR A 104 34.67 -13.69 -2.59
C THR A 104 35.10 -13.17 -1.23
N ALA A 105 36.02 -13.88 -0.59
CA ALA A 105 36.52 -13.50 0.74
C ALA A 105 37.95 -14.03 0.88
N THR A 106 38.84 -13.19 1.39
CA THR A 106 40.17 -13.60 1.90
C THR A 106 39.96 -14.27 3.26
N GLU A 107 40.91 -15.09 3.74
CA GLU A 107 40.75 -15.77 5.06
C GLU A 107 40.50 -14.76 6.17
N GLU A 108 41.03 -13.54 6.07
CA GLU A 108 40.85 -12.52 7.16
C GLU A 108 39.34 -12.12 7.26
N CYS A 109 38.57 -12.38 6.20
CA CYS A 109 37.13 -12.02 6.08
C CYS A 109 36.24 -13.08 6.73
N TYR A 110 36.75 -14.29 7.00
CA TYR A 110 35.90 -15.35 7.62
C TYR A 110 35.51 -14.87 9.00
N LEU A 111 34.23 -15.06 9.40
CA LEU A 111 33.75 -14.54 10.69
C LEU A 111 34.62 -15.05 11.85
N HIS A 112 35.01 -16.33 11.86
CA HIS A 112 35.86 -16.94 12.93
C HIS A 112 37.15 -16.09 13.13
N ASN A 113 37.78 -15.67 12.04
CA ASN A 113 39.02 -14.86 12.07
C ASN A 113 38.72 -13.42 12.51
N ARG A 114 37.65 -12.80 11.98
CA ARG A 114 37.29 -11.41 12.39
C ARG A 114 37.09 -11.39 13.90
N LEU A 115 36.41 -12.39 14.46
CA LEU A 115 36.13 -12.41 15.92
C LEU A 115 37.46 -12.67 16.70
N GLU A 116 38.27 -13.62 16.26
CA GLU A 116 39.59 -13.94 16.90
C GLU A 116 40.45 -12.66 17.00
N GLN A 117 40.44 -11.80 15.99
CA GLN A 117 41.23 -10.54 15.96
C GLN A 117 40.69 -9.58 17.02
N LEU A 118 39.46 -9.78 17.49
CA LEU A 118 38.91 -8.99 18.63
C LEU A 118 39.07 -9.77 19.93
N LYS A 119 39.79 -10.90 19.92
CA LYS A 119 39.97 -11.79 21.12
C LYS A 119 38.59 -12.33 21.56
N VAL A 120 37.70 -12.61 20.60
CA VAL A 120 36.32 -13.12 20.87
C VAL A 120 36.29 -14.53 20.31
N ARG A 121 36.11 -15.51 21.21
CA ARG A 121 35.90 -16.94 20.84
C ARG A 121 34.42 -17.18 20.56
N PRO A 122 34.06 -18.14 19.68
CA PRO A 122 32.65 -18.49 19.46
C PRO A 122 31.89 -18.71 20.77
N GLU A 123 32.50 -19.43 21.73
CA GLU A 123 31.87 -19.72 23.03
C GLU A 123 31.58 -18.44 23.82
N ASP A 124 32.20 -17.29 23.51
CA ASP A 124 31.92 -16.02 24.27
C ASP A 124 30.61 -15.35 23.79
N ILE A 125 29.97 -15.85 22.75
CA ILE A 125 28.71 -15.22 22.23
C ILE A 125 27.52 -15.76 23.05
N ARG A 126 26.82 -14.88 23.72
CA ARG A 126 25.59 -15.23 24.49
C ARG A 126 24.36 -15.32 23.55
N TYR A 127 24.21 -14.34 22.65
CA TYR A 127 23.06 -14.28 21.70
C TYR A 127 23.55 -14.09 20.27
N VAL A 128 22.95 -14.84 19.37
CA VAL A 128 23.05 -14.62 17.91
C VAL A 128 21.65 -14.24 17.43
N VAL A 129 21.51 -13.07 16.83
CA VAL A 129 20.24 -12.69 16.15
C VAL A 129 20.41 -13.01 14.67
N ALA A 130 19.67 -13.99 14.16
CA ALA A 130 19.65 -14.32 12.72
C ALA A 130 18.57 -13.49 12.06
N SER A 131 18.94 -12.44 11.32
CA SER A 131 17.97 -11.55 10.65
C SER A 131 16.96 -12.43 9.88
N HIS A 132 17.48 -13.48 9.25
CA HIS A 132 16.82 -14.52 8.45
C HIS A 132 17.85 -15.61 8.14
N LEU A 133 17.46 -16.66 7.42
CA LEU A 133 18.33 -17.87 7.31
C LEU A 133 18.86 -18.06 5.89
N HIS A 134 18.90 -17.02 5.06
CA HIS A 134 19.55 -17.03 3.74
C HIS A 134 21.06 -17.35 3.89
N LEU A 135 21.66 -17.87 2.81
CA LEU A 135 23.06 -18.34 2.70
C LEU A 135 24.07 -17.28 3.18
N ASP A 136 23.76 -15.98 3.03
CA ASP A 136 24.72 -14.86 3.26
C ASP A 136 24.54 -14.29 4.65
N HIS A 137 23.69 -14.90 5.50
CA HIS A 137 23.37 -14.39 6.86
C HIS A 137 23.49 -15.48 7.91
N ALA A 138 23.20 -16.74 7.55
CA ALA A 138 23.12 -17.86 8.53
C ALA A 138 24.28 -18.85 8.31
N GLY A 139 25.23 -18.55 7.43
CA GLY A 139 26.35 -19.44 7.06
C GLY A 139 27.22 -19.95 8.21
N CYS A 140 27.42 -19.18 9.29
CA CYS A 140 28.27 -19.66 10.42
C CYS A 140 27.49 -19.82 11.71
N LEU A 141 26.16 -19.97 11.67
CA LEU A 141 25.44 -20.25 12.94
C LEU A 141 26.05 -21.46 13.65
N GLU A 142 26.48 -22.48 12.91
CA GLU A 142 26.95 -23.76 13.52
C GLU A 142 28.13 -23.56 14.50
N MET A 143 28.87 -22.47 14.40
CA MET A 143 29.97 -22.16 15.35
C MET A 143 29.45 -21.90 16.76
N PHE A 144 28.21 -21.40 16.90
CA PHE A 144 27.78 -20.74 18.16
C PHE A 144 26.97 -21.72 19.01
N THR A 145 27.65 -22.75 19.51
CA THR A 145 27.09 -23.85 20.34
C THR A 145 26.87 -23.41 21.78
N ASN A 146 27.31 -22.23 22.18
CA ASN A 146 27.14 -21.78 23.58
C ASN A 146 26.12 -20.64 23.65
N ALA A 147 25.57 -20.25 22.51
CA ALA A 147 24.63 -19.11 22.39
C ALA A 147 23.18 -19.62 22.39
N THR A 148 22.25 -18.70 22.69
CA THR A 148 20.84 -18.77 22.23
C THR A 148 20.72 -18.12 20.85
N ILE A 149 20.23 -18.86 19.86
CA ILE A 149 20.05 -18.41 18.46
C ILE A 149 18.61 -17.90 18.35
N ILE A 150 18.48 -16.60 18.19
CA ILE A 150 17.18 -15.90 18.03
C ILE A 150 16.86 -15.81 16.53
N VAL A 151 15.70 -16.33 16.16
CA VAL A 151 15.28 -16.43 14.74
C VAL A 151 13.77 -16.28 14.70
N HIS A 152 13.21 -15.75 13.61
CA HIS A 152 11.75 -15.71 13.42
C HIS A 152 11.20 -17.14 13.23
N GLU A 153 10.13 -17.47 13.95
CA GLU A 153 9.55 -18.85 13.90
C GLU A 153 9.19 -19.21 12.45
N ASP A 154 8.71 -18.26 11.63
CA ASP A 154 8.23 -18.59 10.26
C ASP A 154 9.46 -18.81 9.37
N GLU A 155 10.58 -18.15 9.69
CA GLU A 155 11.83 -18.33 8.92
C GLU A 155 12.41 -19.72 9.21
N PHE A 156 12.45 -20.08 10.48
CA PHE A 156 12.94 -21.40 10.94
C PHE A 156 12.11 -22.51 10.28
N ASN A 157 10.77 -22.41 10.34
CA ASN A 157 9.86 -23.41 9.76
C ASN A 157 10.19 -23.58 8.28
N GLY A 158 10.28 -22.47 7.53
CA GLY A 158 10.51 -22.50 6.09
C GLY A 158 11.85 -23.18 5.77
N ALA A 159 12.88 -22.83 6.50
CA ALA A 159 14.24 -23.40 6.26
C ALA A 159 14.19 -24.89 6.58
N LEU A 160 13.57 -25.26 7.67
CA LEU A 160 13.50 -26.69 8.06
C LEU A 160 12.70 -27.50 7.02
N GLN A 161 11.64 -26.93 6.39
CA GLN A 161 10.96 -27.62 5.28
C GLN A 161 11.92 -27.78 4.07
N CYS A 162 12.74 -26.80 3.75
CA CYS A 162 13.72 -26.91 2.63
C CYS A 162 14.61 -28.13 2.92
N TYR A 163 15.04 -28.28 4.18
CA TYR A 163 15.92 -29.37 4.64
C TYR A 163 15.21 -30.71 4.48
N ALA A 164 13.99 -30.79 5.03
CA ALA A 164 13.18 -32.03 5.06
C ALA A 164 12.82 -32.47 3.64
N ARG A 165 12.61 -31.56 2.70
CA ARG A 165 12.24 -31.86 1.28
C ARG A 165 13.51 -32.10 0.45
N ASN A 166 14.68 -32.08 1.09
CA ASN A 166 15.99 -32.29 0.42
C ASN A 166 16.20 -31.30 -0.73
N GLN A 167 15.87 -30.02 -0.55
CA GLN A 167 16.14 -29.00 -1.61
C GLN A 167 17.63 -28.64 -1.58
N LYS A 168 18.31 -28.75 -2.72
CA LYS A 168 19.78 -28.52 -2.86
C LYS A 168 20.08 -27.16 -3.47
N GLU A 169 19.16 -26.58 -4.22
CA GLU A 169 19.33 -25.28 -4.92
C GLU A 169 18.65 -24.21 -4.07
N GLY A 170 18.82 -22.94 -4.45
CA GLY A 170 18.18 -21.80 -3.79
C GLY A 170 18.98 -21.30 -2.60
N ALA A 171 18.37 -20.39 -1.85
CA ALA A 171 19.08 -19.50 -0.90
C ALA A 171 19.18 -20.14 0.49
N TYR A 172 18.59 -21.32 0.70
CA TYR A 172 18.59 -22.04 2.00
C TYR A 172 19.52 -23.25 1.87
N ILE A 173 20.68 -23.24 2.52
CA ILE A 173 21.77 -24.21 2.17
C ILE A 173 21.63 -25.48 3.00
N TRP A 174 21.33 -26.59 2.33
CA TRP A 174 21.02 -27.89 2.99
C TRP A 174 22.12 -28.22 4.01
N ALA A 175 23.40 -28.09 3.58
CA ALA A 175 24.56 -28.55 4.37
C ALA A 175 24.74 -27.60 5.56
N ASP A 176 24.33 -26.32 5.45
CA ASP A 176 24.38 -25.41 6.62
C ASP A 176 23.33 -25.87 7.65
N ILE A 177 22.11 -26.17 7.17
CA ILE A 177 21.00 -26.57 8.08
C ILE A 177 21.40 -27.89 8.73
N ASP A 178 21.95 -28.82 7.92
CA ASP A 178 22.50 -30.11 8.43
C ASP A 178 23.44 -29.85 9.60
N ALA A 179 24.38 -28.92 9.49
CA ALA A 179 25.35 -28.64 10.58
C ALA A 179 24.66 -27.97 11.79
N TRP A 180 23.62 -27.15 11.57
CA TRP A 180 22.90 -26.54 12.73
C TRP A 180 22.34 -27.62 13.63
N ILE A 181 21.78 -28.66 13.03
CA ILE A 181 21.10 -29.77 13.75
C ILE A 181 22.17 -30.69 14.37
N LYS A 182 23.18 -31.10 13.62
CA LYS A 182 24.28 -31.94 14.19
C LYS A 182 24.98 -31.24 15.36
N ASN A 183 25.09 -29.91 15.33
CA ASN A 183 25.84 -29.15 16.36
C ASN A 183 24.94 -28.81 17.53
N ASN A 184 23.66 -29.16 17.47
CA ASN A 184 22.76 -29.04 18.63
C ASN A 184 22.65 -27.57 19.08
N LEU A 185 22.43 -26.65 18.14
CA LEU A 185 22.19 -25.23 18.47
C LEU A 185 20.95 -25.13 19.34
N GLN A 186 20.97 -24.11 20.19
CA GLN A 186 19.86 -23.77 21.12
C GLN A 186 19.04 -22.60 20.52
N TRP A 187 17.81 -22.86 20.10
CA TRP A 187 16.96 -21.89 19.38
C TRP A 187 15.95 -21.25 20.34
N ARG A 188 15.76 -19.95 20.19
CA ARG A 188 14.58 -19.21 20.70
C ARG A 188 13.87 -18.64 19.47
N THR A 189 12.68 -19.12 19.13
CA THR A 189 11.94 -18.59 17.96
C THR A 189 11.14 -17.37 18.41
N VAL A 190 11.18 -16.33 17.59
CA VAL A 190 10.28 -15.16 17.75
C VAL A 190 8.94 -15.53 17.09
N LYS A 191 7.87 -15.49 17.87
CA LYS A 191 6.52 -15.88 17.39
C LYS A 191 5.97 -14.79 16.49
N ARG A 192 5.12 -15.21 15.58
CA ARG A 192 4.54 -14.32 14.56
C ARG A 192 3.97 -13.05 15.20
N HIS A 193 3.26 -13.09 16.32
CA HIS A 193 2.65 -11.82 16.83
C HIS A 193 3.48 -11.29 18.02
N GLU A 194 4.74 -11.70 18.14
CA GLU A 194 5.52 -11.37 19.35
C GLU A 194 6.12 -10.00 19.20
N ASP A 195 5.86 -9.22 20.23
CA ASP A 195 6.44 -7.91 20.57
C ASP A 195 7.94 -7.91 20.22
N ASN A 196 8.61 -6.85 20.61
CA ASN A 196 10.03 -6.56 20.37
C ASN A 196 10.84 -6.75 21.69
N ILE A 197 11.80 -7.63 21.59
CA ILE A 197 12.41 -8.36 22.72
C ILE A 197 13.61 -7.57 23.22
N LEU A 198 13.58 -7.19 24.49
CA LEU A 198 14.70 -6.52 25.18
C LEU A 198 15.76 -7.60 25.42
N LEU A 199 16.90 -7.52 24.77
CA LEU A 199 17.99 -8.51 24.97
C LEU A 199 18.93 -8.05 26.07
N ALA A 200 19.16 -6.74 26.18
CA ALA A 200 20.12 -6.10 27.10
C ALA A 200 19.82 -4.62 27.11
N GLU A 201 20.33 -3.86 28.07
CA GLU A 201 20.12 -2.40 28.09
C GLU A 201 20.45 -1.79 26.72
N GLY A 202 19.48 -1.08 26.14
CA GLY A 202 19.58 -0.41 24.83
C GLY A 202 19.71 -1.35 23.65
N VAL A 203 19.32 -2.64 23.76
CA VAL A 203 19.37 -3.59 22.62
C VAL A 203 18.00 -4.31 22.54
N LYS A 204 17.30 -4.07 21.45
CA LYS A 204 15.92 -4.56 21.26
C LYS A 204 15.91 -5.32 19.93
N VAL A 205 15.35 -6.54 19.92
CA VAL A 205 15.07 -7.27 18.66
C VAL A 205 13.75 -6.75 18.11
N LEU A 206 13.73 -6.34 16.86
CA LEU A 206 12.51 -5.89 16.16
C LEU A 206 11.97 -7.05 15.34
N ASN A 207 10.70 -7.37 15.48
CA ASN A 207 10.06 -8.41 14.66
C ASN A 207 9.44 -7.74 13.45
N PHE A 208 10.14 -7.75 12.32
CA PHE A 208 9.65 -7.18 11.05
C PHE A 208 8.60 -8.07 10.38
N GLY A 209 8.61 -9.37 10.64
CA GLY A 209 7.70 -10.34 10.02
C GLY A 209 8.07 -10.62 8.58
N SER A 210 7.10 -11.12 7.79
CA SER A 210 7.34 -11.61 6.42
C SER A 210 7.56 -10.40 5.51
N GLY A 211 8.42 -10.55 4.52
CA GLY A 211 8.69 -9.54 3.51
C GLY A 211 9.68 -10.05 2.51
N HIS A 212 10.95 -9.67 2.65
CA HIS A 212 12.07 -10.24 1.86
C HIS A 212 12.04 -11.76 1.96
N ALA A 213 11.93 -12.32 3.17
CA ALA A 213 11.89 -13.78 3.43
C ALA A 213 10.66 -14.09 4.30
N TRP A 214 10.54 -15.32 4.76
CA TRP A 214 9.41 -15.78 5.63
C TRP A 214 9.31 -14.93 6.89
N GLY A 215 10.43 -14.59 7.52
CA GLY A 215 10.38 -13.87 8.80
C GLY A 215 11.68 -13.13 9.09
N MET A 216 11.61 -11.80 9.16
CA MET A 216 12.79 -10.92 9.22
C MET A 216 12.91 -10.37 10.66
N LEU A 217 14.13 -10.37 11.22
CA LEU A 217 14.39 -9.68 12.51
C LEU A 217 15.38 -8.55 12.26
N GLY A 218 15.15 -7.45 12.96
CA GLY A 218 16.09 -6.35 12.98
C GLY A 218 16.57 -6.17 14.39
N LEU A 219 17.41 -5.16 14.60
CA LEU A 219 17.92 -4.78 15.92
C LEU A 219 17.84 -3.26 16.03
N HIS A 220 17.38 -2.79 17.18
CA HIS A 220 17.51 -1.35 17.51
C HIS A 220 18.49 -1.25 18.68
N VAL A 221 19.62 -0.59 18.43
CA VAL A 221 20.70 -0.42 19.43
C VAL A 221 20.74 1.05 19.84
N GLU A 222 20.73 1.32 21.13
CA GLU A 222 20.87 2.70 21.64
C GLU A 222 22.26 2.79 22.29
N LEU A 223 23.23 3.45 21.65
CA LEU A 223 24.58 3.64 22.24
C LEU A 223 24.67 5.01 22.89
N PRO A 224 25.34 5.16 24.04
CA PRO A 224 25.49 6.45 24.71
C PRO A 224 26.11 7.58 23.89
N GLU A 225 27.15 7.29 23.08
CA GLU A 225 27.84 8.33 22.29
C GLU A 225 27.19 8.43 20.91
N THR A 226 26.95 7.31 20.25
CA THR A 226 26.57 7.29 18.82
C THR A 226 25.05 7.59 18.71
N GLY A 227 24.26 7.26 19.73
CA GLY A 227 22.78 7.34 19.68
C GLY A 227 22.20 6.09 19.04
N GLY A 228 21.08 6.23 18.31
CA GLY A 228 20.27 5.08 17.83
C GLY A 228 20.74 4.51 16.49
N ILE A 229 20.76 3.19 16.37
CA ILE A 229 21.12 2.46 15.13
C ILE A 229 20.03 1.41 14.91
N ILE A 230 19.45 1.37 13.70
CA ILE A 230 18.58 0.26 13.27
C ILE A 230 19.39 -0.65 12.33
N LEU A 231 19.59 -1.92 12.68
CA LEU A 231 20.12 -2.93 11.74
C LEU A 231 18.95 -3.54 11.00
N ALA A 232 18.81 -3.19 9.74
CA ALA A 232 17.67 -3.59 8.90
C ALA A 232 17.94 -4.91 8.19
N SER A 233 19.21 -5.27 8.00
CA SER A 233 19.61 -6.42 7.15
C SER A 233 18.83 -6.34 5.81
N ASP A 234 18.31 -7.46 5.29
CA ASP A 234 17.65 -7.47 3.96
C ASP A 234 16.20 -6.96 3.96
N ALA A 235 15.69 -6.43 5.07
CA ALA A 235 14.45 -5.62 5.05
C ALA A 235 14.69 -4.43 4.10
N ILE A 236 15.94 -3.95 4.01
CA ILE A 236 16.32 -2.82 3.10
C ILE A 236 17.72 -3.08 2.54
N TYR A 237 17.82 -3.44 1.28
CA TYR A 237 19.11 -3.79 0.67
C TYR A 237 20.06 -2.57 0.66
N THR A 238 19.60 -1.42 0.15
CA THR A 238 20.43 -0.23 -0.16
C THR A 238 19.63 1.06 0.03
N ALA A 239 20.32 2.20 -0.09
CA ALA A 239 19.70 3.54 -0.07
C ALA A 239 18.73 3.67 -1.25
N GLU A 240 19.03 3.01 -2.35
CA GLU A 240 18.17 3.04 -3.56
C GLU A 240 16.82 2.33 -3.22
N SER A 241 16.89 1.17 -2.55
CA SER A 241 15.71 0.43 -2.01
C SER A 241 14.86 1.40 -1.17
N TYR A 242 15.52 2.11 -0.28
CA TYR A 242 14.92 2.93 0.80
C TYR A 242 14.22 4.16 0.21
N GLY A 243 14.77 4.76 -0.84
CA GLY A 243 14.20 6.00 -1.43
C GLY A 243 13.95 7.06 -0.35
N PRO A 244 12.77 7.72 -0.27
CA PRO A 244 11.59 7.36 -1.06
C PRO A 244 11.65 7.86 -2.50
N PRO A 245 10.88 7.29 -3.44
CA PRO A 245 9.97 6.19 -3.14
C PRO A 245 10.70 4.84 -3.04
N ILE A 246 10.02 3.82 -2.52
CA ILE A 246 10.65 2.49 -2.28
C ILE A 246 10.90 1.81 -3.61
N LYS A 247 12.06 1.21 -3.79
CA LYS A 247 12.34 0.32 -4.94
C LYS A 247 12.52 -1.10 -4.43
N PRO A 248 11.50 -1.95 -4.56
CA PRO A 248 11.59 -3.31 -4.05
C PRO A 248 12.52 -4.22 -4.85
N PRO A 249 12.98 -5.32 -4.21
CA PRO A 249 13.83 -6.31 -4.86
C PRO A 249 13.11 -7.20 -5.88
N GLY A 250 13.89 -7.89 -6.73
CA GLY A 250 13.37 -8.53 -7.95
C GLY A 250 12.55 -9.78 -7.63
N ILE A 251 12.81 -10.36 -6.47
CA ILE A 251 12.02 -11.49 -5.95
C ILE A 251 11.72 -11.16 -4.48
N ILE A 252 10.58 -11.61 -4.01
CA ILE A 252 10.11 -11.18 -2.67
C ILE A 252 9.23 -12.31 -2.15
N TYR A 253 9.27 -12.66 -0.88
CA TYR A 253 8.25 -13.60 -0.38
C TYR A 253 6.89 -12.87 -0.23
N ASP A 254 6.82 -11.79 0.56
CA ASP A 254 5.57 -11.08 0.91
C ASP A 254 5.72 -9.62 0.48
N SER A 255 5.32 -9.25 -0.73
CA SER A 255 5.49 -7.85 -1.21
C SER A 255 4.84 -6.85 -0.24
N LEU A 256 3.62 -7.09 0.23
CA LEU A 256 2.87 -6.14 1.09
C LEU A 256 3.66 -5.97 2.39
N GLY A 257 4.11 -7.09 2.97
CA GLY A 257 4.88 -7.03 4.23
C GLY A 257 6.21 -6.31 4.05
N TYR A 258 6.84 -6.51 2.91
CA TYR A 258 8.11 -5.82 2.56
C TYR A 258 7.87 -4.31 2.60
N MET A 259 6.87 -3.84 1.85
CA MET A 259 6.57 -2.37 1.71
C MET A 259 6.20 -1.82 3.10
N ASN A 260 5.33 -2.49 3.85
CA ASN A 260 4.99 -2.04 5.22
C ASN A 260 6.25 -1.98 6.09
N THR A 261 7.14 -2.96 5.99
CA THR A 261 8.37 -3.03 6.83
C THR A 261 9.23 -1.80 6.54
N VAL A 262 9.42 -1.45 5.27
CA VAL A 262 10.33 -0.31 4.95
C VAL A 262 9.78 0.98 5.57
N GLU A 263 8.47 1.21 5.48
CA GLU A 263 7.83 2.45 5.98
C GLU A 263 7.86 2.43 7.51
N ARG A 264 7.75 1.26 8.12
CA ARG A 264 7.82 1.13 9.59
C ARG A 264 9.23 1.52 10.05
N ILE A 265 10.25 1.01 9.37
CA ILE A 265 11.65 1.36 9.68
C ILE A 265 11.86 2.89 9.53
N ARG A 266 11.37 3.49 8.44
CA ARG A 266 11.41 4.95 8.20
C ARG A 266 10.80 5.71 9.39
N ARG A 267 9.64 5.27 9.91
CA ARG A 267 8.95 5.99 11.01
C ARG A 267 9.76 5.84 12.31
N ILE A 268 10.19 4.63 12.63
CA ILE A 268 11.05 4.37 13.83
C ILE A 268 12.30 5.25 13.75
N ALA A 269 13.00 5.30 12.62
CA ALA A 269 14.21 6.13 12.45
C ALA A 269 13.88 7.60 12.76
N GLN A 270 12.75 8.09 12.27
CA GLN A 270 12.27 9.48 12.43
C GLN A 270 11.93 9.76 13.90
N GLU A 271 11.17 8.88 14.55
CA GLU A 271 10.65 9.07 15.93
C GLU A 271 11.79 8.90 16.95
N THR A 272 12.85 8.15 16.63
CA THR A 272 13.92 7.84 17.61
C THR A 272 15.25 8.51 17.22
N LYS A 273 15.30 9.27 16.12
CA LYS A 273 16.52 9.89 15.54
C LYS A 273 17.62 8.83 15.41
N SER A 274 17.30 7.72 14.75
CA SER A 274 18.23 6.58 14.57
C SER A 274 18.73 6.59 13.12
N GLN A 275 19.97 6.19 12.94
CA GLN A 275 20.55 5.82 11.61
C GLN A 275 19.97 4.47 11.20
N VAL A 276 19.83 4.25 9.90
CA VAL A 276 19.36 2.96 9.34
C VAL A 276 20.56 2.36 8.62
N TRP A 277 21.01 1.19 9.05
CA TRP A 277 22.12 0.46 8.39
C TRP A 277 21.51 -0.63 7.49
N PHE A 278 21.72 -0.51 6.20
CA PHE A 278 21.14 -1.35 5.13
C PHE A 278 21.90 -2.68 5.13
N GLY A 279 21.27 -3.70 4.54
CA GLY A 279 21.89 -5.04 4.43
C GLY A 279 23.16 -5.04 3.57
N HIS A 280 23.16 -4.35 2.43
CA HIS A 280 24.18 -4.61 1.37
C HIS A 280 24.45 -3.35 0.56
N ASP A 281 24.65 -2.21 1.21
CA ASP A 281 24.87 -0.91 0.52
C ASP A 281 26.39 -0.65 0.45
N ALA A 282 27.01 -0.88 -0.70
CA ALA A 282 28.48 -0.65 -0.88
C ALA A 282 28.87 0.77 -0.44
N GLU A 283 28.11 1.81 -0.80
CA GLU A 283 28.53 3.20 -0.49
C GLU A 283 28.40 3.43 1.01
N GLN A 284 27.31 2.97 1.66
CA GLN A 284 27.20 3.13 3.13
C GLN A 284 28.32 2.37 3.87
N PHE A 285 28.59 1.13 3.42
CA PHE A 285 29.52 0.21 4.09
C PHE A 285 30.94 0.82 4.07
N LYS A 286 31.29 1.45 2.95
CA LYS A 286 32.62 2.11 2.81
C LYS A 286 32.79 3.16 3.90
N LYS A 287 31.72 3.84 4.32
CA LYS A 287 31.83 4.94 5.30
C LYS A 287 31.84 4.38 6.73
N PHE A 288 31.50 3.11 6.98
CA PHE A 288 31.50 2.56 8.37
C PHE A 288 32.96 2.47 8.82
N ARG A 289 33.18 2.58 10.12
CA ARG A 289 34.46 2.21 10.78
C ARG A 289 34.35 0.71 11.03
N LYS A 290 35.22 -0.08 10.42
CA LYS A 290 35.20 -1.56 10.56
C LYS A 290 36.08 -2.02 11.71
N SER A 291 36.09 -3.34 11.94
CA SER A 291 36.65 -3.94 13.15
C SER A 291 38.20 -3.82 13.12
N THR A 292 38.78 -3.45 12.00
CA THR A 292 40.27 -3.29 11.88
C THR A 292 40.68 -1.87 12.29
N GLU A 293 39.73 -0.95 12.44
CA GLU A 293 39.96 0.49 12.77
C GLU A 293 39.31 0.85 14.10
N GLY A 294 38.25 0.15 14.53
CA GLY A 294 37.55 0.52 15.76
C GLY A 294 36.11 0.07 15.81
N TYR A 295 35.29 0.89 16.45
CA TYR A 295 33.99 0.49 17.02
C TYR A 295 33.17 1.74 17.29
N TYR A 296 31.92 1.56 17.69
CA TYR A 296 30.95 2.63 17.98
C TYR A 296 30.57 2.47 19.45
N GLU A 297 30.70 3.54 20.23
CA GLU A 297 30.12 3.63 21.58
C GLU A 297 29.02 4.72 21.55
N ALA B 22 -30.93 -22.20 -20.35
CA ALA B 22 -30.24 -21.09 -21.15
C ALA B 22 -29.21 -21.71 -22.11
N ARG B 23 -29.17 -21.19 -23.37
CA ARG B 23 -28.25 -21.63 -24.47
C ARG B 23 -27.42 -20.43 -24.96
N PRO B 24 -26.49 -19.96 -24.10
CA PRO B 24 -25.63 -18.84 -24.44
C PRO B 24 -24.62 -19.16 -25.55
N LYS B 25 -24.09 -18.10 -26.16
CA LYS B 25 -22.92 -18.19 -27.05
C LYS B 25 -21.80 -17.31 -26.52
N LEU B 26 -20.61 -17.88 -26.35
CA LEU B 26 -19.43 -17.16 -25.82
C LEU B 26 -18.44 -16.95 -26.97
N TYR B 27 -18.08 -15.70 -27.19
CA TYR B 27 -17.15 -15.24 -28.25
C TYR B 27 -15.84 -14.74 -27.65
N VAL B 28 -14.73 -15.15 -28.24
CA VAL B 28 -13.38 -14.61 -28.01
C VAL B 28 -13.10 -13.55 -29.09
N MET B 29 -12.82 -12.32 -28.68
CA MET B 29 -12.56 -11.21 -29.62
C MET B 29 -11.08 -10.82 -29.55
N ASP B 30 -10.41 -10.82 -30.69
CA ASP B 30 -8.97 -10.51 -30.82
C ASP B 30 -8.82 -8.99 -30.83
N ASN B 31 -8.17 -8.41 -29.80
CA ASN B 31 -8.04 -6.94 -29.66
C ASN B 31 -6.59 -6.52 -29.84
N GLY B 32 -5.82 -7.31 -30.60
CA GLY B 32 -4.46 -6.94 -31.01
C GLY B 32 -3.40 -7.56 -30.13
N ARG B 33 -2.19 -7.01 -30.18
CA ARG B 33 -0.95 -7.62 -29.64
C ARG B 33 -0.18 -6.51 -28.88
N MET B 34 0.44 -6.91 -27.78
CA MET B 34 1.36 -6.05 -27.01
C MET B 34 2.71 -6.74 -26.91
N ARG B 35 3.74 -5.95 -26.71
CA ARG B 35 5.07 -6.48 -26.39
C ARG B 35 5.52 -5.82 -25.09
N MET B 36 6.30 -6.55 -24.32
CA MET B 36 7.04 -5.97 -23.19
C MET B 36 8.20 -6.89 -22.81
N ASP B 37 9.07 -6.39 -21.94
CA ASP B 37 10.18 -7.16 -21.32
C ASP B 37 9.59 -8.45 -20.79
N LYS B 38 10.21 -9.60 -21.10
CA LYS B 38 9.72 -10.89 -20.59
C LYS B 38 9.82 -10.92 -19.05
N ASN B 39 10.73 -10.16 -18.45
CA ASN B 39 10.85 -10.09 -16.95
C ASN B 39 9.56 -9.58 -16.31
N TRP B 40 8.75 -8.76 -16.98
CA TRP B 40 7.40 -8.37 -16.47
C TRP B 40 6.56 -9.63 -16.38
N MET B 41 6.73 -10.56 -17.32
CA MET B 41 5.81 -11.70 -17.53
C MET B 41 6.22 -12.83 -16.58
N ILE B 42 7.53 -13.13 -16.56
CA ILE B 42 8.17 -14.21 -15.75
C ILE B 42 9.37 -13.59 -14.98
N ALA B 43 9.20 -13.30 -13.68
CA ALA B 43 10.23 -12.62 -12.85
C ALA B 43 11.55 -13.39 -12.95
N MET B 44 12.66 -12.69 -13.15
CA MET B 44 14.02 -13.27 -13.11
C MET B 44 14.08 -14.50 -14.01
N HIS B 45 13.58 -14.39 -15.24
CA HIS B 45 13.47 -15.57 -16.13
C HIS B 45 14.85 -16.01 -16.60
N ASN B 46 15.85 -15.13 -16.61
CA ASN B 46 17.20 -15.45 -17.17
C ASN B 46 18.28 -14.67 -16.40
N PRO B 47 18.53 -15.02 -15.11
CA PRO B 47 19.38 -14.19 -14.26
C PRO B 47 20.83 -14.18 -14.77
N ALA B 48 21.49 -13.04 -14.61
CA ALA B 48 22.94 -12.88 -14.80
C ALA B 48 23.72 -13.91 -13.95
N THR B 49 24.82 -14.40 -14.53
CA THR B 49 25.79 -15.35 -13.91
C THR B 49 27.22 -14.79 -14.11
N ILE B 50 28.17 -15.33 -13.37
CA ILE B 50 29.62 -14.94 -13.48
C ILE B 50 30.05 -15.12 -14.95
N HIS B 51 29.51 -16.13 -15.67
CA HIS B 51 29.75 -16.37 -17.11
C HIS B 51 28.89 -15.45 -18.00
N ASN B 52 27.71 -15.00 -17.57
CA ASN B 52 26.84 -14.12 -18.41
C ASN B 52 26.44 -12.91 -17.56
N PRO B 53 27.40 -12.06 -17.14
CA PRO B 53 27.15 -10.99 -16.17
C PRO B 53 26.26 -9.87 -16.70
N ASN B 54 26.15 -9.74 -18.02
CA ASN B 54 25.33 -8.69 -18.67
C ASN B 54 24.18 -9.35 -19.44
N ALA B 55 23.56 -10.37 -18.83
CA ALA B 55 22.46 -11.15 -19.44
C ALA B 55 21.40 -10.23 -20.01
N GLN B 56 20.95 -10.62 -21.20
CA GLN B 56 19.97 -9.89 -22.03
C GLN B 56 18.59 -10.43 -21.73
N THR B 57 17.60 -9.57 -21.73
CA THR B 57 16.19 -10.01 -21.70
C THR B 57 15.74 -10.17 -23.16
N GLU B 58 14.46 -10.32 -23.37
CA GLU B 58 13.83 -10.34 -24.72
C GLU B 58 12.49 -9.60 -24.61
N PHE B 59 11.96 -9.17 -25.74
CA PHE B 59 10.79 -8.26 -25.85
C PHE B 59 9.67 -9.10 -26.47
N VAL B 60 8.79 -9.66 -25.65
CA VAL B 60 7.90 -10.79 -26.06
C VAL B 60 6.53 -10.25 -26.42
N GLU B 61 5.90 -10.91 -27.38
CA GLU B 61 4.62 -10.50 -27.97
C GLU B 61 3.49 -11.36 -27.40
N PHE B 62 2.34 -10.76 -27.15
CA PHE B 62 1.23 -11.50 -26.52
C PHE B 62 -0.10 -10.85 -26.93
N PRO B 63 -1.18 -11.65 -26.93
CA PRO B 63 -2.50 -11.17 -27.29
C PRO B 63 -3.21 -10.38 -26.17
N ILE B 64 -3.97 -9.39 -26.61
CA ILE B 64 -4.99 -8.71 -25.76
C ILE B 64 -6.32 -9.23 -26.31
N TYR B 65 -7.20 -9.73 -25.44
CA TYR B 65 -8.53 -10.19 -25.87
C TYR B 65 -9.59 -9.93 -24.81
N THR B 66 -10.83 -10.07 -25.25
CA THR B 66 -12.05 -9.84 -24.48
C THR B 66 -13.02 -10.98 -24.79
N VAL B 67 -13.96 -11.21 -23.91
CA VAL B 67 -14.93 -12.33 -24.06
C VAL B 67 -16.33 -11.72 -23.95
N LEU B 68 -17.18 -12.03 -24.92
CA LEU B 68 -18.62 -11.68 -24.90
C LEU B 68 -19.43 -12.94 -24.62
N ILE B 69 -20.29 -12.89 -23.61
CA ILE B 69 -21.27 -13.96 -23.37
C ILE B 69 -22.62 -13.41 -23.81
N ASP B 70 -23.07 -13.87 -24.98
CA ASP B 70 -24.45 -13.55 -25.46
C ASP B 70 -25.41 -14.50 -24.74
N HIS B 71 -25.96 -14.04 -23.63
CA HIS B 71 -26.81 -14.83 -22.71
C HIS B 71 -28.24 -14.35 -22.86
N PRO B 72 -29.24 -15.24 -22.80
CA PRO B 72 -30.64 -14.80 -22.86
C PRO B 72 -31.04 -13.82 -21.74
N GLU B 73 -30.33 -13.85 -20.60
CA GLU B 73 -30.68 -12.92 -19.50
C GLU B 73 -30.02 -11.57 -19.73
N GLY B 74 -29.14 -11.44 -20.72
CA GLY B 74 -28.48 -10.17 -21.05
C GLY B 74 -27.01 -10.40 -21.35
N LYS B 75 -26.46 -9.61 -22.24
CA LYS B 75 -25.08 -9.71 -22.74
C LYS B 75 -24.10 -9.30 -21.65
N ILE B 76 -23.09 -10.13 -21.45
CA ILE B 76 -22.02 -9.92 -20.45
C ILE B 76 -20.68 -9.83 -21.20
N LEU B 77 -19.91 -8.78 -20.92
CA LEU B 77 -18.58 -8.57 -21.51
C LEU B 77 -17.53 -8.72 -20.39
N PHE B 78 -16.48 -9.47 -20.64
CA PHE B 78 -15.34 -9.67 -19.71
C PHE B 78 -14.14 -8.96 -20.31
N ASP B 79 -13.71 -7.86 -19.66
CA ASP B 79 -12.56 -7.01 -20.07
C ASP B 79 -12.96 -6.19 -21.30
N THR B 80 -12.15 -5.18 -21.65
CA THR B 80 -12.52 -4.17 -22.69
C THR B 80 -11.32 -3.78 -23.54
N SER B 81 -10.16 -4.43 -23.35
CA SER B 81 -8.92 -4.18 -24.12
C SER B 81 -8.45 -2.71 -23.94
N CYS B 82 -7.70 -2.20 -24.92
CA CYS B 82 -7.05 -0.85 -24.88
C CYS B 82 -7.92 0.17 -25.61
N ASN B 83 -7.84 1.42 -25.20
CA ASN B 83 -8.64 2.46 -25.88
C ASN B 83 -8.06 2.61 -27.29
N PRO B 84 -8.88 2.80 -28.32
CA PRO B 84 -8.34 3.10 -29.68
C PRO B 84 -7.38 4.30 -29.73
N ASN B 85 -7.45 5.22 -28.76
CA ASN B 85 -6.65 6.46 -28.77
C ASN B 85 -5.45 6.33 -27.84
N SER B 86 -4.97 5.12 -27.59
CA SER B 86 -3.89 4.83 -26.58
C SER B 86 -2.54 5.32 -27.12
N MET B 87 -2.23 4.97 -28.37
CA MET B 87 -0.86 5.01 -28.91
C MET B 87 -0.72 6.28 -29.78
N GLY B 88 0.50 6.69 -30.05
CA GLY B 88 0.78 7.75 -31.01
C GLY B 88 1.16 9.06 -30.32
N PRO B 89 1.61 10.07 -31.07
CA PRO B 89 2.03 11.35 -30.48
C PRO B 89 0.89 12.07 -29.75
N GLN B 90 -0.36 11.90 -30.19
CA GLN B 90 -1.61 12.44 -29.56
C GLN B 90 -2.28 11.39 -28.66
N GLY B 91 -1.57 10.32 -28.31
CA GLY B 91 -2.12 9.17 -27.57
C GLY B 91 -2.39 9.48 -26.10
N ARG B 92 -3.33 8.76 -25.49
CA ARG B 92 -3.62 8.87 -24.03
C ARG B 92 -2.48 8.29 -23.22
N TRP B 93 -1.75 7.31 -23.75
CA TRP B 93 -0.69 6.65 -22.97
C TRP B 93 0.53 7.58 -22.97
N ALA B 94 1.17 7.74 -21.82
CA ALA B 94 2.44 8.49 -21.67
C ALA B 94 3.49 7.85 -22.60
N GLU B 95 4.49 8.63 -23.01
CA GLU B 95 5.50 8.21 -24.00
C GLU B 95 6.27 7.01 -23.42
N SER B 96 6.64 7.02 -22.14
CA SER B 96 7.37 5.90 -21.49
C SER B 96 6.53 4.60 -21.57
N THR B 97 5.23 4.70 -21.32
CA THR B 97 4.27 3.57 -21.36
C THR B 97 4.23 2.99 -22.80
N GLN B 98 4.08 3.85 -23.79
CA GLN B 98 4.05 3.44 -25.23
C GLN B 98 5.34 2.74 -25.63
N GLN B 99 6.48 3.08 -25.03
CA GLN B 99 7.78 2.47 -25.38
C GLN B 99 8.01 1.13 -24.63
N MET B 100 7.47 0.95 -23.43
CA MET B 100 7.70 -0.30 -22.66
C MET B 100 6.60 -1.35 -22.96
N PHE B 101 5.40 -0.91 -23.33
CA PHE B 101 4.18 -1.77 -23.48
C PHE B 101 3.45 -1.41 -24.79
N PRO B 102 4.17 -1.31 -25.93
CA PRO B 102 3.52 -0.94 -27.18
C PRO B 102 2.39 -1.91 -27.59
N TRP B 103 1.26 -1.34 -27.96
CA TRP B 103 0.07 -2.05 -28.44
C TRP B 103 -0.02 -1.88 -29.98
N THR B 104 -0.15 -2.97 -30.71
CA THR B 104 -0.35 -2.91 -32.18
C THR B 104 -1.72 -3.50 -32.49
N ALA B 105 -2.55 -2.77 -33.18
CA ALA B 105 -3.92 -3.22 -33.52
C ALA B 105 -4.34 -2.56 -34.84
N THR B 106 -4.87 -3.37 -35.75
CA THR B 106 -5.61 -2.89 -36.95
C THR B 106 -7.01 -2.44 -36.48
N GLU B 107 -7.70 -1.63 -37.30
CA GLU B 107 -9.06 -1.12 -36.95
C GLU B 107 -10.02 -2.26 -36.66
N GLU B 108 -9.85 -3.42 -37.31
CA GLU B 108 -10.79 -4.57 -37.12
C GLU B 108 -10.61 -5.16 -35.68
N CYS B 109 -9.48 -4.87 -35.03
CA CYS B 109 -9.13 -5.33 -33.66
C CYS B 109 -9.77 -4.44 -32.59
N TYR B 110 -10.22 -3.22 -32.91
CA TYR B 110 -10.82 -2.34 -31.87
C TYR B 110 -12.11 -2.98 -31.37
N LEU B 111 -12.35 -2.90 -30.07
CA LEU B 111 -13.49 -3.61 -29.45
C LEU B 111 -14.81 -3.15 -30.11
N HIS B 112 -14.99 -1.86 -30.38
CA HIS B 112 -16.28 -1.40 -30.96
C HIS B 112 -16.50 -2.08 -32.33
N ASN B 113 -15.46 -2.29 -33.13
CA ASN B 113 -15.61 -2.96 -34.45
C ASN B 113 -15.84 -4.47 -34.25
N ARG B 114 -15.11 -5.13 -33.35
CA ARG B 114 -15.34 -6.57 -33.06
C ARG B 114 -16.81 -6.77 -32.67
N LEU B 115 -17.37 -5.89 -31.83
CA LEU B 115 -18.77 -6.05 -31.37
C LEU B 115 -19.74 -5.75 -32.55
N GLU B 116 -19.45 -4.72 -33.35
CA GLU B 116 -20.31 -4.32 -34.50
C GLU B 116 -20.42 -5.52 -35.47
N GLN B 117 -19.31 -6.26 -35.69
CA GLN B 117 -19.29 -7.43 -36.58
C GLN B 117 -20.18 -8.54 -36.03
N LEU B 118 -20.51 -8.50 -34.74
CA LEU B 118 -21.45 -9.48 -34.14
C LEU B 118 -22.84 -8.86 -34.04
N LYS B 119 -23.04 -7.68 -34.62
CA LYS B 119 -24.34 -6.95 -34.54
C LYS B 119 -24.64 -6.57 -33.08
N VAL B 120 -23.62 -6.22 -32.31
CA VAL B 120 -23.78 -5.88 -30.86
C VAL B 120 -23.33 -4.44 -30.73
N ARG B 121 -24.28 -3.56 -30.38
CA ARG B 121 -23.96 -2.14 -30.12
C ARG B 121 -23.54 -2.03 -28.65
N PRO B 122 -22.71 -1.06 -28.25
CA PRO B 122 -22.35 -0.85 -26.84
C PRO B 122 -23.57 -0.82 -25.89
N GLU B 123 -24.67 -0.20 -26.32
CA GLU B 123 -25.88 -0.07 -25.47
C GLU B 123 -26.52 -1.43 -25.21
N ASP B 124 -26.19 -2.48 -25.97
CA ASP B 124 -26.80 -3.83 -25.76
C ASP B 124 -26.08 -4.57 -24.61
N ILE B 125 -25.00 -4.03 -24.05
CA ILE B 125 -24.26 -4.73 -22.95
C ILE B 125 -24.94 -4.42 -21.62
N ARG B 126 -25.44 -5.43 -20.94
CA ARG B 126 -26.07 -5.31 -19.60
C ARG B 126 -24.98 -5.26 -18.50
N TYR B 127 -23.95 -6.11 -18.57
CA TYR B 127 -22.83 -6.14 -17.59
C TYR B 127 -21.47 -6.13 -18.26
N VAL B 128 -20.56 -5.35 -17.70
CA VAL B 128 -19.11 -5.40 -18.01
C VAL B 128 -18.42 -5.84 -16.73
N VAL B 129 -17.71 -6.95 -16.79
CA VAL B 129 -16.83 -7.42 -15.68
C VAL B 129 -15.42 -6.92 -16.00
N ALA B 130 -14.91 -5.95 -15.23
CA ALA B 130 -13.53 -5.45 -15.34
C ALA B 130 -12.65 -6.35 -14.46
N SER B 131 -11.84 -7.22 -15.07
CA SER B 131 -10.94 -8.13 -14.31
C SER B 131 -10.14 -7.25 -13.32
N HIS B 132 -9.72 -6.09 -13.81
CA HIS B 132 -8.93 -5.05 -13.12
C HIS B 132 -8.87 -3.83 -14.03
N LEU B 133 -8.21 -2.77 -13.62
CA LEU B 133 -8.34 -1.48 -14.35
C LEU B 133 -7.04 -1.06 -15.01
N HIS B 134 -6.14 -2.00 -15.29
CA HIS B 134 -4.92 -1.79 -16.10
C HIS B 134 -5.30 -1.35 -17.53
N LEU B 135 -4.36 -0.68 -18.19
CA LEU B 135 -4.50 -0.03 -19.52
C LEU B 135 -4.99 -1.03 -20.57
N ASP B 136 -4.62 -2.31 -20.45
CA ASP B 136 -4.92 -3.35 -21.47
C ASP B 136 -6.21 -4.13 -21.13
N HIS B 137 -6.97 -3.72 -20.11
CA HIS B 137 -8.25 -4.37 -19.72
C HIS B 137 -9.39 -3.38 -19.60
N ALA B 138 -9.14 -2.11 -19.25
CA ALA B 138 -10.20 -1.13 -18.91
C ALA B 138 -10.26 -0.02 -19.98
N GLY B 139 -9.49 -0.13 -21.06
CA GLY B 139 -9.38 0.89 -22.13
C GLY B 139 -10.70 1.35 -22.76
N CYS B 140 -11.71 0.50 -22.89
CA CYS B 140 -12.99 0.91 -23.53
C CYS B 140 -14.17 0.87 -22.59
N LEU B 141 -13.96 0.87 -21.27
CA LEU B 141 -15.12 0.95 -20.36
C LEU B 141 -16.03 2.13 -20.72
N GLU B 142 -15.47 3.27 -21.12
CA GLU B 142 -16.24 4.50 -21.37
C GLU B 142 -17.36 4.31 -22.43
N MET B 143 -17.26 3.31 -23.30
CA MET B 143 -18.34 3.00 -24.29
C MET B 143 -19.63 2.53 -23.61
N PHE B 144 -19.57 1.89 -22.44
CA PHE B 144 -20.70 1.05 -21.95
C PHE B 144 -21.53 1.84 -20.94
N THR B 145 -22.22 2.87 -21.45
CA THR B 145 -23.03 3.83 -20.66
C THR B 145 -24.37 3.23 -20.28
N ASN B 146 -24.73 2.06 -20.81
CA ASN B 146 -26.03 1.44 -20.49
C ASN B 146 -25.81 0.19 -19.62
N ALA B 147 -24.56 -0.13 -19.29
CA ALA B 147 -24.20 -1.34 -18.51
C ALA B 147 -24.04 -0.98 -17.01
N THR B 148 -24.09 -2.01 -16.17
CA THR B 148 -23.47 -2.01 -14.81
C THR B 148 -22.02 -2.51 -14.95
N ILE B 149 -21.07 -1.69 -14.52
CA ILE B 149 -19.63 -2.01 -14.54
C ILE B 149 -19.30 -2.65 -13.20
N ILE B 150 -18.96 -3.94 -13.25
CA ILE B 150 -18.57 -4.74 -12.08
C ILE B 150 -17.05 -4.70 -11.95
N VAL B 151 -16.59 -4.21 -10.79
CA VAL B 151 -15.14 -4.03 -10.56
C VAL B 151 -14.89 -4.30 -9.08
N HIS B 152 -13.68 -4.77 -8.76
CA HIS B 152 -13.27 -4.93 -7.35
C HIS B 152 -13.17 -3.55 -6.68
N GLU B 153 -13.74 -3.40 -5.50
CA GLU B 153 -13.72 -2.11 -4.76
C GLU B 153 -12.28 -1.63 -4.54
N ASP B 154 -11.33 -2.50 -4.26
CA ASP B 154 -9.93 -2.07 -3.97
C ASP B 154 -9.26 -1.62 -5.28
N GLU B 155 -9.64 -2.23 -6.39
CA GLU B 155 -9.08 -1.85 -7.71
C GLU B 155 -9.60 -0.45 -8.08
N PHE B 156 -10.88 -0.24 -7.89
CA PHE B 156 -11.54 1.05 -8.17
C PHE B 156 -10.89 2.12 -7.30
N ASN B 157 -10.71 1.87 -6.00
CA ASN B 157 -10.13 2.88 -5.09
C ASN B 157 -8.73 3.26 -5.56
N GLY B 158 -7.92 2.26 -5.89
CA GLY B 158 -6.52 2.46 -6.29
C GLY B 158 -6.47 3.27 -7.57
N ALA B 159 -7.30 2.95 -8.53
CA ALA B 159 -7.29 3.68 -9.82
C ALA B 159 -7.73 5.14 -9.56
N LEU B 160 -8.78 5.33 -8.80
CA LEU B 160 -9.28 6.69 -8.52
C LEU B 160 -8.21 7.50 -7.77
N GLN B 161 -7.38 6.91 -6.90
CA GLN B 161 -6.28 7.68 -6.27
C GLN B 161 -5.24 8.06 -7.34
N CYS B 162 -4.94 7.20 -8.30
CA CYS B 162 -3.98 7.56 -9.39
C CYS B 162 -4.50 8.81 -10.10
N TYR B 163 -5.82 8.86 -10.34
CA TYR B 163 -6.52 9.99 -11.04
C TYR B 163 -6.41 11.25 -10.20
N ALA B 164 -6.77 11.13 -8.92
CA ALA B 164 -6.82 12.28 -7.98
C ALA B 164 -5.43 12.85 -7.77
N ARG B 165 -4.39 12.01 -7.81
CA ARG B 165 -2.98 12.43 -7.60
C ARG B 165 -2.39 12.91 -8.92
N ASN B 166 -3.16 12.89 -10.02
CA ASN B 166 -2.68 13.34 -11.36
C ASN B 166 -1.47 12.49 -11.78
N GLN B 167 -1.50 11.17 -11.58
CA GLN B 167 -0.38 10.31 -12.05
C GLN B 167 -0.55 10.11 -13.57
N LYS B 168 0.47 10.42 -14.35
CA LYS B 168 0.44 10.38 -15.85
C LYS B 168 1.16 9.15 -16.39
N GLU B 169 2.04 8.54 -15.63
CA GLU B 169 2.81 7.35 -16.07
C GLU B 169 2.19 6.12 -15.41
N GLY B 170 2.69 4.93 -15.73
CA GLY B 170 2.21 3.68 -15.12
C GLY B 170 0.97 3.14 -15.82
N ALA B 171 0.38 2.10 -15.22
CA ALA B 171 -0.51 1.16 -15.92
C ALA B 171 -1.95 1.61 -15.76
N TYR B 172 -2.19 2.72 -15.04
CA TYR B 172 -3.53 3.27 -14.79
C TYR B 172 -3.62 4.58 -15.60
N ILE B 173 -4.43 4.62 -16.65
CA ILE B 173 -4.35 5.70 -17.69
C ILE B 173 -5.27 6.85 -17.30
N TRP B 174 -4.69 7.97 -16.93
CA TRP B 174 -5.43 9.17 -16.44
C TRP B 174 -6.59 9.51 -17.37
N ALA B 175 -6.34 9.57 -18.68
CA ALA B 175 -7.34 10.02 -19.67
C ALA B 175 -8.45 8.96 -19.78
N ASP B 176 -8.13 7.67 -19.56
CA ASP B 176 -9.20 6.63 -19.57
C ASP B 176 -10.14 6.91 -18.38
N ILE B 177 -9.57 7.12 -17.20
CA ILE B 177 -10.37 7.31 -15.96
C ILE B 177 -11.18 8.61 -16.11
N ASP B 178 -10.53 9.64 -16.64
CA ASP B 178 -11.23 10.93 -16.95
C ASP B 178 -12.50 10.63 -17.74
N ALA B 179 -12.40 9.80 -18.78
CA ALA B 179 -13.57 9.48 -19.64
C ALA B 179 -14.61 8.65 -18.87
N TRP B 180 -14.20 7.73 -17.99
CA TRP B 180 -15.20 6.94 -17.20
C TRP B 180 -16.08 7.87 -16.40
N ILE B 181 -15.50 8.88 -15.76
CA ILE B 181 -16.25 9.85 -14.90
C ILE B 181 -17.10 10.78 -15.78
N LYS B 182 -16.52 11.35 -16.84
CA LYS B 182 -17.31 12.23 -17.75
C LYS B 182 -18.48 11.49 -18.38
N ASN B 183 -18.34 10.18 -18.69
CA ASN B 183 -19.40 9.40 -19.37
C ASN B 183 -20.41 8.86 -18.36
N ASN B 184 -20.23 9.13 -17.06
CA ASN B 184 -21.23 8.76 -16.03
C ASN B 184 -21.50 7.23 -16.05
N LEU B 185 -20.44 6.43 -16.05
CA LEU B 185 -20.59 4.96 -15.92
C LEU B 185 -21.28 4.63 -14.61
N GLN B 186 -22.02 3.53 -14.63
CA GLN B 186 -22.76 2.97 -13.46
C GLN B 186 -21.94 1.80 -12.87
N TRP B 187 -21.40 1.99 -11.67
CA TRP B 187 -20.48 1.02 -11.03
C TRP B 187 -21.21 0.18 -9.99
N ARG B 188 -20.89 -1.11 -9.95
CA ARG B 188 -21.18 -2.02 -8.81
C ARG B 188 -19.81 -2.54 -8.36
N THR B 189 -19.37 -2.12 -7.18
CA THR B 189 -18.07 -2.60 -6.64
C THR B 189 -18.29 -3.93 -5.93
N VAL B 190 -17.39 -4.87 -6.17
CA VAL B 190 -17.31 -6.15 -5.39
C VAL B 190 -16.50 -5.86 -4.12
N LYS B 191 -17.10 -6.06 -2.95
CA LYS B 191 -16.46 -5.74 -1.66
C LYS B 191 -15.38 -6.77 -1.37
N ARG B 192 -14.41 -6.34 -0.60
CA ARG B 192 -13.23 -7.15 -0.29
C ARG B 192 -13.65 -8.55 0.17
N HIS B 193 -14.66 -8.73 1.02
CA HIS B 193 -14.94 -10.09 1.58
C HIS B 193 -16.19 -10.65 0.89
N GLU B 194 -16.51 -10.15 -0.31
CA GLU B 194 -17.79 -10.48 -0.95
C GLU B 194 -17.61 -11.75 -1.74
N ASP B 195 -18.51 -12.66 -1.42
CA ASP B 195 -18.81 -13.94 -2.08
C ASP B 195 -18.73 -13.73 -3.58
N ASN B 196 -19.00 -14.78 -4.31
CA ASN B 196 -18.89 -14.94 -5.78
C ASN B 196 -20.31 -14.82 -6.41
N ILE B 197 -20.48 -13.85 -7.26
CA ILE B 197 -21.78 -13.22 -7.59
C ILE B 197 -22.37 -13.90 -8.81
N LEU B 198 -23.60 -14.40 -8.66
CA LEU B 198 -24.37 -15.06 -9.74
C LEU B 198 -24.90 -13.94 -10.65
N LEU B 199 -24.37 -13.83 -11.85
CA LEU B 199 -24.77 -12.77 -12.80
C LEU B 199 -25.96 -13.23 -13.64
N ALA B 200 -25.99 -14.52 -13.96
CA ALA B 200 -26.96 -15.13 -14.87
C ALA B 200 -26.77 -16.64 -14.76
N GLU B 201 -27.73 -17.42 -15.24
CA GLU B 201 -27.58 -18.91 -15.21
C GLU B 201 -26.22 -19.34 -15.79
N GLY B 202 -25.44 -20.08 -15.01
CA GLY B 202 -24.10 -20.58 -15.36
C GLY B 202 -23.03 -19.51 -15.52
N VAL B 203 -23.21 -18.30 -14.96
CA VAL B 203 -22.18 -17.23 -15.01
C VAL B 203 -22.02 -16.61 -13.62
N LYS B 204 -20.81 -16.77 -13.09
CA LYS B 204 -20.46 -16.42 -11.70
C LYS B 204 -19.23 -15.51 -11.78
N VAL B 205 -19.26 -14.36 -11.09
CA VAL B 205 -18.05 -13.53 -10.89
C VAL B 205 -17.27 -14.14 -9.72
N LEU B 206 -16.01 -14.45 -9.93
CA LEU B 206 -15.08 -14.89 -8.87
C LEU B 206 -14.31 -13.69 -8.29
N ASN B 207 -14.35 -13.51 -7.00
CA ASN B 207 -13.54 -12.48 -6.34
C ASN B 207 -12.17 -13.05 -5.97
N PHE B 208 -11.16 -12.82 -6.79
CA PHE B 208 -9.78 -13.33 -6.54
C PHE B 208 -9.06 -12.47 -5.48
N GLY B 209 -9.46 -11.22 -5.30
CA GLY B 209 -8.81 -10.27 -4.39
C GLY B 209 -7.47 -9.80 -4.91
N SER B 210 -6.61 -9.30 -4.00
CA SER B 210 -5.31 -8.65 -4.33
C SER B 210 -4.33 -9.72 -4.82
N GLY B 211 -3.47 -9.37 -5.76
CA GLY B 211 -2.43 -10.26 -6.26
C GLY B 211 -1.66 -9.54 -7.32
N HIS B 212 -1.97 -9.80 -8.59
CA HIS B 212 -1.41 -9.04 -9.72
C HIS B 212 -1.66 -7.54 -9.53
N ALA B 213 -2.90 -7.14 -9.20
CA ALA B 213 -3.25 -5.73 -8.96
C ALA B 213 -3.98 -5.65 -7.62
N TRP B 214 -4.56 -4.49 -7.31
CA TRP B 214 -5.27 -4.25 -6.01
C TRP B 214 -6.43 -5.21 -5.86
N GLY B 215 -7.18 -5.50 -6.91
CA GLY B 215 -8.34 -6.39 -6.77
C GLY B 215 -8.71 -7.03 -8.09
N MET B 216 -8.65 -8.34 -8.15
CA MET B 216 -8.80 -9.08 -9.41
C MET B 216 -10.19 -9.75 -9.40
N LEU B 217 -10.89 -9.71 -10.52
CA LEU B 217 -12.10 -10.54 -10.70
C LEU B 217 -11.89 -11.53 -11.83
N GLY B 218 -12.48 -12.69 -11.64
CA GLY B 218 -12.53 -13.69 -12.68
C GLY B 218 -13.96 -13.99 -13.03
N LEU B 219 -14.14 -14.93 -13.98
CA LEU B 219 -15.48 -15.41 -14.37
C LEU B 219 -15.45 -16.94 -14.44
N HIS B 220 -16.46 -17.58 -13.88
CA HIS B 220 -16.69 -19.03 -14.09
C HIS B 220 -17.96 -19.14 -14.93
N VAL B 221 -17.81 -19.69 -16.13
CA VAL B 221 -18.92 -19.86 -17.08
C VAL B 221 -19.17 -21.37 -17.26
N GLU B 222 -20.42 -21.78 -17.14
CA GLU B 222 -20.83 -23.19 -17.36
C GLU B 222 -21.65 -23.23 -18.66
N LEU B 223 -21.09 -23.80 -19.72
CA LEU B 223 -21.79 -23.85 -21.03
C LEU B 223 -22.32 -25.29 -21.22
N PRO B 224 -23.57 -25.46 -21.70
CA PRO B 224 -24.15 -26.79 -21.93
C PRO B 224 -23.31 -27.73 -22.80
N GLU B 225 -22.67 -27.25 -23.88
CA GLU B 225 -21.85 -28.11 -24.76
C GLU B 225 -20.41 -28.16 -24.25
N THR B 226 -19.80 -27.00 -24.00
CA THR B 226 -18.33 -26.88 -23.84
C THR B 226 -17.98 -27.28 -22.39
N GLY B 227 -18.93 -27.17 -21.46
CA GLY B 227 -18.69 -27.37 -20.03
C GLY B 227 -18.10 -26.13 -19.39
N GLY B 228 -17.25 -26.29 -18.36
CA GLY B 228 -16.79 -25.14 -17.54
C GLY B 228 -15.59 -24.39 -18.12
N ILE B 229 -15.61 -23.06 -17.98
CA ILE B 229 -14.46 -22.20 -18.36
C ILE B 229 -14.22 -21.23 -17.21
N ILE B 230 -12.95 -21.11 -16.80
CA ILE B 230 -12.50 -20.03 -15.90
C ILE B 230 -11.75 -18.98 -16.73
N LEU B 231 -12.23 -17.72 -16.69
CA LEU B 231 -11.48 -16.58 -17.24
C LEU B 231 -10.64 -16.02 -16.11
N ALA B 232 -9.34 -16.24 -16.16
CA ALA B 232 -8.38 -15.90 -15.10
C ALA B 232 -7.86 -14.47 -15.29
N SER B 233 -7.87 -13.97 -16.53
CA SER B 233 -7.21 -12.71 -16.92
C SER B 233 -5.78 -12.69 -16.33
N ASP B 234 -5.36 -11.59 -15.73
CA ASP B 234 -3.94 -11.45 -15.27
C ASP B 234 -3.70 -12.11 -13.91
N ALA B 235 -4.66 -12.79 -13.32
CA ALA B 235 -4.38 -13.71 -12.19
C ALA B 235 -3.35 -14.76 -12.68
N ILE B 236 -3.38 -15.12 -13.97
CA ILE B 236 -2.41 -16.08 -14.58
C ILE B 236 -2.07 -15.64 -15.99
N TYR B 237 -0.89 -15.09 -16.21
CA TYR B 237 -0.48 -14.57 -17.55
C TYR B 237 -0.49 -15.70 -18.61
N THR B 238 0.13 -16.84 -18.33
CA THR B 238 0.44 -17.89 -19.35
C THR B 238 0.55 -19.25 -18.68
N ALA B 239 0.65 -20.30 -19.48
CA ALA B 239 0.85 -21.70 -19.06
C ALA B 239 2.16 -21.80 -18.27
N GLU B 240 3.15 -21.01 -18.63
CA GLU B 240 4.45 -21.00 -17.92
C GLU B 240 4.25 -20.42 -16.49
N SER B 241 3.45 -19.35 -16.34
CA SER B 241 3.04 -18.78 -15.02
C SER B 241 2.41 -19.91 -14.19
N TYR B 242 1.52 -20.67 -14.81
CA TYR B 242 0.64 -21.65 -14.15
C TYR B 242 1.40 -22.91 -13.70
N GLY B 243 2.47 -23.29 -14.39
CA GLY B 243 3.24 -24.52 -14.03
C GLY B 243 2.31 -25.70 -13.77
N PRO B 244 2.43 -26.46 -12.65
CA PRO B 244 3.36 -26.15 -11.57
C PRO B 244 4.80 -26.48 -11.91
N PRO B 245 5.79 -25.87 -11.23
CA PRO B 245 5.51 -24.91 -10.15
C PRO B 245 5.18 -23.53 -10.72
N ILE B 246 4.61 -22.65 -9.88
CA ILE B 246 4.18 -21.30 -10.30
C ILE B 246 5.40 -20.45 -10.63
N LYS B 247 5.38 -19.72 -11.73
CA LYS B 247 6.39 -18.69 -12.02
C LYS B 247 5.71 -17.32 -11.98
N PRO B 248 5.91 -16.56 -10.90
CA PRO B 248 5.21 -15.28 -10.78
C PRO B 248 5.76 -14.20 -11.68
N PRO B 249 4.96 -13.15 -11.94
CA PRO B 249 5.41 -12.00 -12.72
C PRO B 249 6.44 -11.11 -12.00
N GLY B 250 7.14 -10.28 -12.79
CA GLY B 250 8.34 -9.52 -12.37
C GLY B 250 8.00 -8.36 -11.45
N ILE B 251 6.76 -7.90 -11.52
CA ILE B 251 6.24 -6.95 -10.52
C ILE B 251 4.86 -7.46 -10.11
N ILE B 252 4.48 -7.17 -8.88
CA ILE B 252 3.26 -7.77 -8.29
C ILE B 252 2.79 -6.80 -7.21
N TYR B 253 1.49 -6.62 -7.03
CA TYR B 253 1.03 -5.83 -5.88
C TYR B 253 1.15 -6.68 -4.60
N ASP B 254 0.54 -7.87 -4.57
CA ASP B 254 0.42 -8.73 -3.37
C ASP B 254 0.93 -10.14 -3.70
N SER B 255 2.19 -10.45 -3.46
CA SER B 255 2.81 -11.71 -3.94
C SER B 255 2.07 -12.89 -3.29
N LEU B 256 1.72 -12.80 -2.02
CA LEU B 256 1.05 -13.90 -1.27
C LEU B 256 -0.31 -14.13 -1.91
N GLY B 257 -1.09 -13.06 -2.13
CA GLY B 257 -2.44 -13.18 -2.71
C GLY B 257 -2.33 -13.75 -4.13
N TYR B 258 -1.32 -13.34 -4.89
CA TYR B 258 -1.09 -13.85 -6.26
C TYR B 258 -0.93 -15.37 -6.20
N MET B 259 0.00 -15.85 -5.37
CA MET B 259 0.31 -17.30 -5.28
C MET B 259 -0.94 -18.05 -4.80
N ASN B 260 -1.64 -17.57 -3.76
CA ASN B 260 -2.89 -18.19 -3.27
C ASN B 260 -3.94 -18.23 -4.42
N THR B 261 -4.05 -17.17 -5.21
CA THR B 261 -5.06 -17.09 -6.29
C THR B 261 -4.74 -18.18 -7.33
N VAL B 262 -3.50 -18.36 -7.72
CA VAL B 262 -3.21 -19.37 -8.79
C VAL B 262 -3.61 -20.76 -8.30
N GLU B 263 -3.28 -21.11 -7.05
CA GLU B 263 -3.59 -22.43 -6.48
C GLU B 263 -5.10 -22.55 -6.30
N ARG B 264 -5.81 -21.47 -6.00
CA ARG B 264 -7.29 -21.54 -5.85
C ARG B 264 -7.91 -21.86 -7.21
N ILE B 265 -7.44 -21.19 -8.25
CA ILE B 265 -7.88 -21.43 -9.64
C ILE B 265 -7.56 -22.90 -10.02
N ARG B 266 -6.36 -23.39 -9.76
CA ARG B 266 -5.99 -24.81 -10.01
C ARG B 266 -7.00 -25.75 -9.35
N ARG B 267 -7.40 -25.50 -8.10
CA ARG B 267 -8.33 -26.38 -7.34
C ARG B 267 -9.75 -26.28 -7.96
N ILE B 268 -10.24 -25.08 -8.24
CA ILE B 268 -11.58 -24.89 -8.87
C ILE B 268 -11.60 -25.65 -10.21
N ALA B 269 -10.55 -25.55 -11.02
CA ALA B 269 -10.51 -26.23 -12.34
C ALA B 269 -10.64 -27.75 -12.15
N GLN B 270 -9.90 -28.31 -11.19
CA GLN B 270 -9.90 -29.76 -10.81
C GLN B 270 -11.28 -30.18 -10.34
N GLU B 271 -11.87 -29.47 -9.40
CA GLU B 271 -13.13 -29.86 -8.74
C GLU B 271 -14.31 -29.67 -9.70
N THR B 272 -14.25 -28.75 -10.67
CA THR B 272 -15.40 -28.48 -11.57
C THR B 272 -15.12 -28.97 -13.00
N LYS B 273 -13.96 -29.56 -13.27
CA LYS B 273 -13.49 -29.99 -14.62
C LYS B 273 -13.60 -28.83 -15.61
N SER B 274 -13.01 -27.67 -15.28
CA SER B 274 -13.11 -26.45 -16.11
C SER B 274 -11.76 -26.26 -16.82
N GLN B 275 -11.79 -25.71 -18.01
CA GLN B 275 -10.59 -25.16 -18.68
C GLN B 275 -10.21 -23.83 -18.00
N VAL B 276 -8.93 -23.52 -17.98
CA VAL B 276 -8.46 -22.21 -17.47
C VAL B 276 -7.97 -21.41 -18.68
N TRP B 277 -8.59 -20.26 -18.94
CA TRP B 277 -8.15 -19.32 -20.00
C TRP B 277 -7.27 -18.21 -19.37
N PHE B 278 -6.01 -18.19 -19.74
CA PHE B 278 -4.94 -17.31 -19.23
C PHE B 278 -5.18 -15.93 -19.82
N GLY B 279 -4.62 -14.92 -19.18
CA GLY B 279 -4.75 -13.54 -19.67
C GLY B 279 -4.05 -13.31 -21.01
N HIS B 280 -2.84 -13.85 -21.23
CA HIS B 280 -1.96 -13.37 -22.34
C HIS B 280 -1.07 -14.49 -22.89
N ASP B 281 -1.64 -15.66 -23.14
CA ASP B 281 -0.87 -16.86 -23.57
C ASP B 281 -0.99 -16.97 -25.10
N ALA B 282 0.04 -16.54 -25.82
CA ALA B 282 0.08 -16.59 -27.31
C ALA B 282 -0.28 -18.02 -27.80
N GLU B 283 0.28 -19.07 -27.22
CA GLU B 283 0.06 -20.45 -27.74
C GLU B 283 -1.39 -20.86 -27.45
N GLN B 284 -1.91 -20.62 -26.25
CA GLN B 284 -3.34 -20.93 -25.97
C GLN B 284 -4.27 -20.13 -26.89
N PHE B 285 -3.99 -18.85 -27.09
CA PHE B 285 -4.91 -17.94 -27.82
C PHE B 285 -5.01 -18.40 -29.29
N LYS B 286 -3.89 -18.87 -29.83
CA LYS B 286 -3.85 -19.37 -31.24
C LYS B 286 -4.89 -20.46 -31.41
N LYS B 287 -5.10 -21.27 -30.40
CA LYS B 287 -5.96 -22.47 -30.47
C LYS B 287 -7.42 -22.07 -30.29
N PHE B 288 -7.76 -20.88 -29.78
CA PHE B 288 -9.18 -20.50 -29.52
C PHE B 288 -9.86 -20.35 -30.88
N ARG B 289 -11.16 -20.58 -30.92
CA ARG B 289 -12.03 -20.15 -32.04
C ARG B 289 -12.39 -18.70 -31.72
N LYS B 290 -12.01 -17.78 -32.57
CA LYS B 290 -12.28 -16.33 -32.37
C LYS B 290 -13.57 -15.91 -33.07
N SER B 291 -13.94 -14.65 -32.88
CA SER B 291 -15.28 -14.10 -33.21
C SER B 291 -15.45 -14.10 -34.74
N THR B 292 -14.36 -14.23 -35.50
CA THR B 292 -14.40 -14.26 -37.00
C THR B 292 -14.74 -15.67 -37.49
N GLU B 293 -14.71 -16.69 -36.62
CA GLU B 293 -14.93 -18.11 -37.02
C GLU B 293 -16.12 -18.70 -36.26
N GLY B 294 -16.45 -18.17 -35.08
CA GLY B 294 -17.57 -18.68 -34.29
C GLY B 294 -17.43 -18.43 -32.78
N TYR B 295 -17.88 -19.40 -32.00
CA TYR B 295 -18.31 -19.20 -30.59
C TYR B 295 -18.31 -20.56 -29.90
N TYR B 296 -18.48 -20.52 -28.58
CA TYR B 296 -18.58 -21.71 -27.71
C TYR B 296 -20.00 -21.75 -27.16
N GLU B 297 -20.69 -22.88 -27.33
CA GLU B 297 -21.89 -23.18 -26.53
C GLU B 297 -21.58 -24.35 -25.57
N ALA C 22 10.49 23.65 21.58
CA ALA C 22 9.57 24.39 20.64
C ALA C 22 8.52 25.17 21.45
N ARG C 23 8.21 26.41 21.02
CA ARG C 23 7.21 27.35 21.63
C ARG C 23 6.17 27.72 20.57
N PRO C 24 5.32 26.75 20.16
CA PRO C 24 4.28 27.03 19.18
C PRO C 24 3.17 27.93 19.71
N LYS C 25 2.40 28.46 18.78
CA LYS C 25 1.16 29.19 19.09
C LYS C 25 -0.02 28.55 18.36
N LEU C 26 -1.08 28.22 19.09
CA LEU C 26 -2.27 27.56 18.52
C LEU C 26 -3.45 28.54 18.51
N TYR C 27 -4.05 28.70 17.35
CA TYR C 27 -5.16 29.65 17.09
C TYR C 27 -6.43 28.90 16.73
N VAL C 28 -7.53 29.32 17.34
CA VAL C 28 -8.91 28.90 16.99
C VAL C 28 -9.50 29.95 16.05
N MET C 29 -9.88 29.54 14.85
CA MET C 29 -10.44 30.45 13.83
C MET C 29 -11.93 30.17 13.65
N ASP C 30 -12.74 31.20 13.83
CA ASP C 30 -14.22 31.15 13.71
C ASP C 30 -14.57 31.18 12.21
N ASN C 31 -15.16 30.10 11.66
CA ASN C 31 -15.51 30.02 10.21
C ASN C 31 -17.02 29.98 10.08
N GLY C 32 -17.74 30.60 10.99
CA GLY C 32 -19.19 30.80 10.82
C GLY C 32 -20.02 29.77 11.54
N ARG C 33 -21.28 29.68 11.18
CA ARG C 33 -22.34 28.94 11.92
C ARG C 33 -23.14 28.10 10.90
N MET C 34 -23.50 26.89 11.30
CA MET C 34 -24.43 26.01 10.52
C MET C 34 -25.63 25.70 11.41
N ARG C 35 -26.75 25.41 10.77
CA ARG C 35 -27.94 24.84 11.43
C ARG C 35 -28.30 23.51 10.76
N MET C 36 -28.86 22.63 11.55
CA MET C 36 -29.48 21.39 11.03
C MET C 36 -30.43 20.84 12.08
N ASP C 37 -31.28 19.90 11.66
CA ASP C 37 -32.12 19.06 12.56
C ASP C 37 -31.28 18.54 13.72
N LYS C 38 -31.75 18.67 14.95
CA LYS C 38 -31.00 18.19 16.13
C LYS C 38 -30.88 16.66 16.09
N ASN C 39 -31.82 15.97 15.45
CA ASN C 39 -31.76 14.49 15.27
C ASN C 39 -30.46 14.08 14.55
N TRP C 40 -29.91 14.89 13.65
CA TRP C 40 -28.57 14.62 13.06
C TRP C 40 -27.52 14.61 14.19
N MET C 41 -27.61 15.54 15.14
CA MET C 41 -26.58 15.76 16.18
C MET C 41 -26.71 14.70 17.27
N ILE C 42 -27.93 14.49 17.75
CA ILE C 42 -28.30 13.54 18.85
C ILE C 42 -29.45 12.64 18.35
N ALA C 43 -29.14 11.39 17.97
CA ALA C 43 -30.13 10.41 17.43
C ALA C 43 -31.33 10.30 18.38
N MET C 44 -32.54 10.35 17.84
CA MET C 44 -33.80 10.08 18.59
C MET C 44 -33.82 10.92 19.84
N HIS C 45 -33.50 12.21 19.75
CA HIS C 45 -33.35 13.08 20.94
C HIS C 45 -34.71 13.34 21.60
N ASN C 46 -35.82 13.18 20.87
CA ASN C 46 -37.16 13.54 21.40
C ASN C 46 -38.22 12.68 20.72
N PRO C 47 -38.26 11.36 21.05
CA PRO C 47 -39.09 10.41 20.31
C PRO C 47 -40.59 10.70 20.54
N ALA C 48 -41.40 10.47 19.51
CA ALA C 48 -42.87 10.45 19.56
C ALA C 48 -43.34 9.45 20.62
N THR C 49 -44.42 9.83 21.29
CA THR C 49 -45.11 9.02 22.33
C THR C 49 -46.62 9.05 22.01
N ILE C 50 -47.36 8.17 22.64
CA ILE C 50 -48.84 8.08 22.52
C ILE C 50 -49.43 9.47 22.86
N HIS C 51 -48.83 10.25 23.78
CA HIS C 51 -49.27 11.64 24.13
C HIS C 51 -48.70 12.68 23.16
N ASN C 52 -47.57 12.42 22.50
CA ASN C 52 -46.94 13.37 21.55
C ASN C 52 -46.60 12.63 20.26
N PRO C 53 -47.63 12.14 19.52
CA PRO C 53 -47.44 11.24 18.38
C PRO C 53 -46.80 11.95 17.16
N ASN C 54 -46.87 13.27 17.13
CA ASN C 54 -46.32 14.08 16.02
C ASN C 54 -45.21 14.97 16.57
N ALA C 55 -44.36 14.41 17.43
CA ALA C 55 -43.26 15.14 18.10
C ALA C 55 -42.48 15.95 17.06
N GLN C 56 -42.12 17.15 17.49
CA GLN C 56 -41.40 18.15 16.69
C GLN C 56 -39.92 18.05 17.03
N THR C 57 -39.08 18.23 16.02
CA THR C 57 -37.63 18.41 16.24
C THR C 57 -37.37 19.92 16.35
N GLU C 58 -36.10 20.30 16.39
CA GLU C 58 -35.64 21.72 16.42
C GLU C 58 -34.46 21.81 15.46
N PHE C 59 -34.19 23.01 14.98
CA PHE C 59 -33.18 23.36 13.96
C PHE C 59 -32.10 24.11 14.74
N VAL C 60 -31.04 23.42 15.13
CA VAL C 60 -30.02 23.91 16.12
C VAL C 60 -28.83 24.50 15.39
N GLU C 61 -28.21 25.51 16.00
CA GLU C 61 -27.12 26.31 15.41
C GLU C 61 -25.80 25.87 16.06
N PHE C 62 -24.72 25.84 15.31
CA PHE C 62 -23.44 25.37 15.86
C PHE C 62 -22.28 25.98 15.07
N PRO C 63 -21.12 26.12 15.71
CA PRO C 63 -19.94 26.66 15.07
C PRO C 63 -19.23 25.69 14.12
N ILE C 64 -18.71 26.25 13.05
CA ILE C 64 -17.68 25.64 12.17
C ILE C 64 -16.39 26.35 12.53
N TYR C 65 -15.34 25.61 12.85
CA TYR C 65 -14.04 26.21 13.16
C TYR C 65 -12.88 25.34 12.69
N THR C 66 -11.71 25.95 12.70
CA THR C 66 -10.42 25.39 12.27
C THR C 66 -9.36 25.79 13.29
N VAL C 67 -8.27 25.04 13.32
CA VAL C 67 -7.17 25.28 14.27
C VAL C 67 -5.89 25.42 13.48
N LEU C 68 -5.13 26.49 13.72
CA LEU C 68 -3.78 26.68 13.15
C LEU C 68 -2.77 26.47 14.26
N ILE C 69 -1.78 25.61 14.03
CA ILE C 69 -0.61 25.48 14.92
C ILE C 69 0.57 26.16 14.22
N ASP C 70 0.93 27.34 14.70
CA ASP C 70 2.14 28.06 14.23
C ASP C 70 3.34 27.44 14.96
N HIS C 71 3.96 26.45 14.34
CA HIS C 71 5.03 25.62 14.94
C HIS C 71 6.34 26.02 14.29
N PRO C 72 7.47 26.07 15.01
CA PRO C 72 8.77 26.34 14.37
C PRO C 72 9.15 25.35 13.27
N GLU C 73 8.65 24.10 13.33
CA GLU C 73 8.97 23.09 12.29
C GLU C 73 8.07 23.28 11.08
N GLY C 74 7.07 24.16 11.13
CA GLY C 74 6.17 24.43 10.00
C GLY C 74 4.72 24.54 10.47
N LYS C 75 3.94 25.37 9.80
CA LYS C 75 2.53 25.64 10.13
C LYS C 75 1.68 24.42 9.78
N ILE C 76 0.86 24.00 10.73
CA ILE C 76 -0.09 22.86 10.62
C ILE C 76 -1.51 23.43 10.78
N LEU C 77 -2.37 23.08 9.84
CA LEU C 77 -3.79 23.45 9.88
C LEU C 77 -4.63 22.19 10.14
N PHE C 78 -5.57 22.24 11.06
CA PHE C 78 -6.54 21.14 11.33
C PHE C 78 -7.90 21.58 10.81
N ASP C 79 -8.39 20.90 9.77
CA ASP C 79 -9.69 21.15 9.10
C ASP C 79 -9.60 22.47 8.31
N THR C 80 -10.59 22.75 7.46
CA THR C 80 -10.54 23.88 6.51
C THR C 80 -11.90 24.54 6.34
N SER C 81 -12.91 24.14 7.12
CA SER C 81 -14.27 24.74 7.09
C SER C 81 -14.91 24.56 5.69
N CYS C 82 -15.84 25.45 5.34
CA CYS C 82 -16.67 25.37 4.11
C CYS C 82 -16.07 26.25 3.01
N ASN C 83 -16.32 25.90 1.75
CA ASN C 83 -15.80 26.76 0.66
C ASN C 83 -16.60 28.07 0.66
N PRO C 84 -15.98 29.24 0.45
CA PRO C 84 -16.75 30.50 0.33
C PRO C 84 -17.85 30.46 -0.74
N ASN C 85 -17.72 29.58 -1.73
CA ASN C 85 -18.73 29.46 -2.82
C ASN C 85 -19.74 28.35 -2.54
N SER C 86 -19.97 27.96 -1.28
CA SER C 86 -20.85 26.82 -0.97
C SER C 86 -22.31 27.19 -1.24
N MET C 87 -22.73 28.34 -0.73
CA MET C 87 -24.17 28.67 -0.53
C MET C 87 -24.62 29.55 -1.70
N GLY C 88 -25.93 29.63 -1.92
CA GLY C 88 -26.51 30.57 -2.89
C GLY C 88 -26.94 29.89 -4.18
N PRO C 89 -27.64 30.63 -5.06
CA PRO C 89 -28.17 30.03 -6.29
C PRO C 89 -27.07 29.53 -7.24
N GLN C 90 -25.89 30.16 -7.24
CA GLN C 90 -24.66 29.73 -7.98
C GLN C 90 -23.77 28.87 -7.08
N GLY C 91 -24.27 28.37 -5.94
CA GLY C 91 -23.44 27.65 -4.95
C GLY C 91 -22.98 26.27 -5.44
N ARG C 92 -21.85 25.79 -4.93
CA ARG C 92 -21.38 24.38 -5.11
C ARG C 92 -22.30 23.39 -4.38
N TRP C 93 -22.95 23.79 -3.28
CA TRP C 93 -23.79 22.85 -2.52
C TRP C 93 -25.10 22.72 -3.28
N ALA C 94 -25.60 21.51 -3.44
CA ALA C 94 -26.93 21.20 -3.98
C ALA C 94 -27.99 21.91 -3.14
N GLU C 95 -29.14 22.23 -3.73
CA GLU C 95 -30.21 23.01 -3.08
C GLU C 95 -30.72 22.25 -1.84
N SER C 96 -30.92 20.93 -1.91
CA SER C 96 -31.33 20.11 -0.75
C SER C 96 -30.31 20.27 0.39
N THR C 97 -29.02 20.24 0.10
CA THR C 97 -27.93 20.38 1.11
C THR C 97 -28.05 21.77 1.78
N GLN C 98 -28.21 22.81 0.97
CA GLN C 98 -28.30 24.22 1.46
C GLN C 98 -29.50 24.37 2.39
N GLN C 99 -30.57 23.63 2.16
CA GLN C 99 -31.81 23.78 2.97
C GLN C 99 -31.72 22.97 4.28
N MET C 100 -30.97 21.87 4.29
CA MET C 100 -30.89 21.00 5.50
C MET C 100 -29.68 21.37 6.40
N PHE C 101 -28.65 21.97 5.82
CA PHE C 101 -27.34 22.28 6.46
C PHE C 101 -26.89 23.70 6.11
N PRO C 102 -27.78 24.73 6.15
CA PRO C 102 -27.37 26.09 5.79
C PRO C 102 -26.18 26.62 6.63
N TRP C 103 -25.18 27.14 5.94
CA TRP C 103 -23.97 27.78 6.52
C TRP C 103 -24.14 29.32 6.43
N THR C 104 -24.01 30.01 7.54
CA THR C 104 -24.03 31.51 7.52
C THR C 104 -22.64 31.98 7.95
N ALA C 105 -22.04 32.87 7.18
CA ALA C 105 -20.69 33.40 7.44
C ALA C 105 -20.58 34.81 6.82
N THR C 106 -20.03 35.73 7.58
CA THR C 106 -19.53 37.04 7.11
C THR C 106 -18.20 36.79 6.40
N GLU C 107 -17.78 37.70 5.51
CA GLU C 107 -16.46 37.57 4.81
C GLU C 107 -15.31 37.41 5.79
N GLU C 108 -15.39 38.01 6.99
CA GLU C 108 -14.27 37.91 7.97
C GLU C 108 -14.15 36.43 8.47
N CYS C 109 -15.20 35.62 8.30
CA CYS C 109 -15.27 34.22 8.76
C CYS C 109 -14.62 33.27 7.73
N TYR C 110 -14.38 33.70 6.48
CA TYR C 110 -13.80 32.79 5.45
C TYR C 110 -12.38 32.48 5.83
N LEU C 111 -11.97 31.21 5.69
CA LEU C 111 -10.67 30.76 6.21
C LEU C 111 -9.55 31.61 5.61
N HIS C 112 -9.61 31.95 4.31
CA HIS C 112 -8.52 32.75 3.67
C HIS C 112 -8.37 34.12 4.39
N ASN C 113 -9.46 34.76 4.79
CA ASN C 113 -9.39 36.05 5.54
C ASN C 113 -8.92 35.84 6.98
N ARG C 114 -9.42 34.83 7.68
CA ARG C 114 -8.94 34.51 9.06
C ARG C 114 -7.42 34.35 9.02
N LEU C 115 -6.89 33.64 8.03
CA LEU C 115 -5.42 33.39 7.98
C LEU C 115 -4.68 34.70 7.62
N GLU C 116 -5.18 35.45 6.64
CA GLU C 116 -4.56 36.74 6.21
C GLU C 116 -4.44 37.67 7.45
N GLN C 117 -5.45 37.70 8.33
CA GLN C 117 -5.42 38.57 9.53
C GLN C 117 -4.32 38.10 10.46
N LEU C 118 -3.82 36.87 10.29
CA LEU C 118 -2.67 36.38 11.10
C LEU C 118 -1.39 36.51 10.29
N LYS C 119 -1.45 37.16 9.12
CA LYS C 119 -0.29 37.31 8.19
C LYS C 119 0.17 35.91 7.77
N VAL C 120 -0.80 35.02 7.53
CA VAL C 120 -0.48 33.63 7.10
C VAL C 120 -1.09 33.47 5.72
N ARG C 121 -0.23 33.20 4.75
CA ARG C 121 -0.62 32.94 3.34
C ARG C 121 -0.89 31.44 3.20
N PRO C 122 -1.80 31.02 2.29
CA PRO C 122 -2.00 29.60 2.01
C PRO C 122 -0.69 28.84 1.78
N GLU C 123 0.22 29.41 0.97
CA GLU C 123 1.53 28.78 0.67
C GLU C 123 2.38 28.59 1.92
N ASP C 124 2.11 29.26 3.03
CA ASP C 124 2.91 29.10 4.28
C ASP C 124 2.53 27.80 5.03
N ILE C 125 1.44 27.13 4.66
CA ILE C 125 0.96 25.92 5.41
C ILE C 125 1.77 24.70 4.91
N ARG C 126 2.49 24.05 5.80
CA ARG C 126 3.28 22.85 5.50
C ARG C 126 2.39 21.58 5.54
N TYR C 127 1.54 21.45 6.57
CA TYR C 127 0.57 20.32 6.66
C TYR C 127 -0.85 20.80 6.87
N VAL C 128 -1.76 20.13 6.17
CA VAL C 128 -3.22 20.18 6.46
C VAL C 128 -3.67 18.80 6.93
N VAL C 129 -4.22 18.73 8.13
CA VAL C 129 -4.84 17.48 8.64
C VAL C 129 -6.35 17.62 8.38
N ALA C 130 -6.87 16.82 7.45
CA ALA C 130 -8.32 16.73 7.18
C ALA C 130 -8.92 15.69 8.12
N SER C 131 -9.66 16.11 9.15
CA SER C 131 -10.32 15.20 10.12
C SER C 131 -11.09 14.13 9.31
N HIS C 132 -11.75 14.59 8.26
CA HIS C 132 -12.56 13.84 7.29
C HIS C 132 -12.94 14.79 6.16
N LEU C 133 -13.70 14.34 5.18
CA LEU C 133 -13.84 15.11 3.91
C LEU C 133 -15.28 15.60 3.72
N HIS C 134 -16.04 15.70 4.79
CA HIS C 134 -17.40 16.29 4.78
C HIS C 134 -17.30 17.78 4.39
N LEU C 135 -18.41 18.34 3.89
CA LEU C 135 -18.57 19.72 3.32
C LEU C 135 -18.11 20.80 4.29
N ASP C 136 -18.21 20.57 5.61
CA ASP C 136 -17.93 21.61 6.64
C ASP C 136 -16.50 21.47 7.20
N HIS C 137 -15.67 20.57 6.64
CA HIS C 137 -14.28 20.33 7.11
C HIS C 137 -13.27 20.40 5.97
N ALA C 138 -13.65 20.06 4.74
CA ALA C 138 -12.71 19.93 3.62
C ALA C 138 -12.98 21.02 2.54
N GLY C 139 -13.84 22.00 2.84
CA GLY C 139 -14.27 23.05 1.89
C GLY C 139 -13.15 23.88 1.28
N CYS C 140 -12.05 24.15 1.99
CA CYS C 140 -10.95 25.00 1.44
C CYS C 140 -9.66 24.24 1.28
N LEU C 141 -9.69 22.91 1.22
CA LEU C 141 -8.43 22.17 0.92
C LEU C 141 -7.77 22.71 -0.35
N GLU C 142 -8.56 23.07 -1.36
CA GLU C 142 -8.03 23.50 -2.70
C GLU C 142 -7.07 24.70 -2.59
N MET C 143 -7.12 25.52 -1.53
CA MET C 143 -6.16 26.65 -1.33
C MET C 143 -4.75 26.14 -1.09
N PHE C 144 -4.57 24.95 -0.51
CA PHE C 144 -3.26 24.60 0.10
C PHE C 144 -2.46 23.75 -0.85
N THR C 145 -2.00 24.39 -1.94
CA THR C 145 -1.23 23.76 -3.03
C THR C 145 0.23 23.55 -2.64
N ASN C 146 0.71 24.09 -1.53
CA ASN C 146 2.13 23.98 -1.09
C ASN C 146 2.24 23.02 0.12
N ALA C 147 1.12 22.45 0.56
CA ALA C 147 1.03 21.61 1.77
C ALA C 147 1.04 20.12 1.38
N THR C 148 1.41 19.25 2.32
CA THR C 148 1.02 17.81 2.33
C THR C 148 -0.34 17.70 3.02
N ILE C 149 -1.36 17.18 2.32
CA ILE C 149 -2.74 17.01 2.86
C ILE C 149 -2.80 15.60 3.46
N ILE C 150 -2.91 15.53 4.78
CA ILE C 150 -3.03 14.28 5.55
C ILE C 150 -4.50 13.93 5.71
N VAL C 151 -4.86 12.76 5.20
CA VAL C 151 -6.26 12.30 5.22
C VAL C 151 -6.26 10.78 5.43
N HIS C 152 -7.33 10.26 6.03
CA HIS C 152 -7.49 8.79 6.19
C HIS C 152 -7.71 8.17 4.80
N GLU C 153 -7.02 7.08 4.49
CA GLU C 153 -7.13 6.42 3.17
C GLU C 153 -8.58 6.00 2.90
N ASP C 154 -9.33 5.51 3.87
CA ASP C 154 -10.73 5.03 3.64
C ASP C 154 -11.65 6.24 3.38
N GLU C 155 -11.36 7.39 3.99
CA GLU C 155 -12.13 8.62 3.76
C GLU C 155 -11.86 9.11 2.33
N PHE C 156 -10.61 9.16 1.94
CA PHE C 156 -10.22 9.58 0.58
C PHE C 156 -10.91 8.68 -0.45
N ASN C 157 -10.82 7.35 -0.27
CA ASN C 157 -11.40 6.41 -1.25
C ASN C 157 -12.89 6.68 -1.38
N GLY C 158 -13.59 6.86 -0.27
CA GLY C 158 -15.04 7.02 -0.26
C GLY C 158 -15.44 8.32 -0.94
N ALA C 159 -14.70 9.39 -0.71
CA ALA C 159 -15.02 10.69 -1.36
C ALA C 159 -14.76 10.57 -2.87
N LEU C 160 -13.63 10.01 -3.24
CA LEU C 160 -13.31 9.81 -4.67
C LEU C 160 -14.39 8.94 -5.34
N GLN C 161 -14.95 7.92 -4.69
CA GLN C 161 -16.07 7.16 -5.30
C GLN C 161 -17.31 8.07 -5.49
N CYS C 162 -17.62 8.94 -4.54
CA CYS C 162 -18.74 9.91 -4.70
C CYS C 162 -18.53 10.73 -5.97
N TYR C 163 -17.31 11.19 -6.20
CA TYR C 163 -16.90 12.02 -7.36
C TYR C 163 -17.06 11.21 -8.64
N ALA C 164 -16.50 9.99 -8.65
CA ALA C 164 -16.48 9.10 -9.83
C ALA C 164 -17.90 8.70 -10.22
N ARG C 165 -18.81 8.56 -9.26
CA ARG C 165 -20.22 8.17 -9.50
C ARG C 165 -21.05 9.43 -9.77
N ASN C 166 -20.43 10.62 -9.81
CA ASN C 166 -21.16 11.88 -10.11
C ASN C 166 -22.27 12.08 -9.06
N GLN C 167 -22.02 11.81 -7.78
CA GLN C 167 -23.06 12.08 -6.74
C GLN C 167 -23.08 13.59 -6.48
N LYS C 168 -24.23 14.24 -6.66
CA LYS C 168 -24.42 15.71 -6.55
C LYS C 168 -25.00 16.15 -5.21
N GLU C 169 -25.66 15.24 -4.50
CA GLU C 169 -26.31 15.51 -3.19
C GLU C 169 -25.45 14.90 -2.09
N GLY C 170 -25.81 15.15 -0.83
CA GLY C 170 -25.09 14.61 0.33
C GLY C 170 -23.89 15.45 0.74
N ALA C 171 -23.10 14.88 1.65
CA ALA C 171 -22.15 15.60 2.51
C ALA C 171 -20.77 15.65 1.86
N TYR C 172 -20.58 15.02 0.68
CA TYR C 172 -19.31 15.03 -0.08
C TYR C 172 -19.56 15.90 -1.32
N ILE C 173 -18.90 17.05 -1.42
CA ILE C 173 -19.28 18.11 -2.41
C ILE C 173 -18.49 17.93 -3.70
N TRP C 174 -19.17 17.55 -4.78
CA TRP C 174 -18.56 17.18 -6.08
C TRP C 174 -17.58 18.27 -6.55
N ALA C 175 -18.04 19.53 -6.50
CA ALA C 175 -17.30 20.72 -6.98
C ALA C 175 -16.08 20.96 -6.09
N ASP C 176 -16.15 20.61 -4.79
CA ASP C 176 -14.94 20.71 -3.91
C ASP C 176 -13.92 19.67 -4.38
N ILE C 177 -14.36 18.43 -4.61
CA ILE C 177 -13.43 17.32 -4.99
C ILE C 177 -12.83 17.65 -6.35
N ASP C 178 -13.68 18.12 -7.27
CA ASP C 178 -13.25 18.59 -8.60
C ASP C 178 -12.08 19.57 -8.43
N ALA C 179 -12.20 20.55 -7.53
CA ALA C 179 -11.12 21.56 -7.33
C ALA C 179 -9.87 20.91 -6.71
N TRP C 180 -10.00 19.94 -5.81
CA TRP C 180 -8.79 19.31 -5.21
C TRP C 180 -7.93 18.69 -6.31
N ILE C 181 -8.59 18.01 -7.26
CA ILE C 181 -7.86 17.31 -8.35
C ILE C 181 -7.28 18.35 -9.33
N LYS C 182 -8.10 19.32 -9.76
CA LYS C 182 -7.60 20.37 -10.70
C LYS C 182 -6.42 21.15 -10.09
N ASN C 183 -6.40 21.36 -8.76
CA ASN C 183 -5.33 22.16 -8.11
C ASN C 183 -4.14 21.29 -7.76
N ASN C 184 -4.18 19.98 -8.03
CA ASN C 184 -2.99 19.09 -7.90
C ASN C 184 -2.49 19.07 -6.44
N LEU C 185 -3.40 18.88 -5.50
CA LEU C 185 -3.03 18.75 -4.06
C LEU C 185 -2.12 17.55 -3.89
N GLN C 186 -1.24 17.64 -2.91
CA GLN C 186 -0.28 16.57 -2.56
C GLN C 186 -0.81 15.81 -1.33
N TRP C 187 -1.20 14.56 -1.52
CA TRP C 187 -1.86 13.73 -0.48
C TRP C 187 -0.85 12.79 0.19
N ARG C 188 -0.95 12.69 1.50
CA ARG C 188 -0.42 11.57 2.29
C ARG C 188 -1.62 10.89 2.96
N THR C 189 -1.94 9.65 2.56
CA THR C 189 -3.07 8.90 3.15
C THR C 189 -2.56 8.16 4.39
N VAL C 190 -3.33 8.22 5.44
CA VAL C 190 -3.12 7.42 6.68
C VAL C 190 -3.75 6.05 6.42
N LYS C 191 -2.94 5.00 6.50
CA LYS C 191 -3.40 3.62 6.20
C LYS C 191 -4.30 3.13 7.34
N ARG C 192 -5.21 2.26 6.99
CA ARG C 192 -6.19 1.70 7.95
C ARG C 192 -5.49 1.26 9.24
N HIS C 193 -4.35 0.58 9.23
CA HIS C 193 -3.79 0.11 10.53
C HIS C 193 -2.56 0.95 10.92
N GLU C 194 -2.45 2.16 10.42
CA GLU C 194 -1.25 2.97 10.67
C GLU C 194 -1.38 3.66 12.03
N ASP C 195 -0.26 3.66 12.73
CA ASP C 195 0.01 4.23 14.07
C ASP C 195 -0.18 5.75 14.02
N ASN C 196 -0.18 6.40 15.15
CA ASN C 196 -0.30 7.85 15.30
C ASN C 196 1.02 8.55 14.91
N ILE C 197 0.91 9.42 13.92
CA ILE C 197 2.03 10.01 13.15
C ILE C 197 2.52 11.26 13.86
N LEU C 198 3.83 11.27 14.13
CA LEU C 198 4.53 12.44 14.69
C LEU C 198 4.71 13.43 13.55
N LEU C 199 4.04 14.56 13.61
CA LEU C 199 4.15 15.62 12.58
C LEU C 199 5.25 16.60 12.96
N ALA C 200 5.39 16.88 14.24
CA ALA C 200 6.32 17.89 14.79
C ALA C 200 6.39 17.69 16.30
N GLU C 201 7.38 18.28 16.97
CA GLU C 201 7.49 18.15 18.45
C GLU C 201 6.15 18.51 19.09
N GLY C 202 5.58 17.58 19.86
CA GLY C 202 4.29 17.74 20.56
C GLY C 202 3.07 17.74 19.67
N VAL C 203 3.14 17.28 18.41
CA VAL C 203 1.94 17.25 17.52
C VAL C 203 1.87 15.88 16.86
N LYS C 204 0.78 15.17 17.14
CA LYS C 204 0.60 13.75 16.77
C LYS C 204 -0.75 13.66 16.06
N VAL C 205 -0.77 13.04 14.89
CA VAL C 205 -2.03 12.66 14.20
C VAL C 205 -2.54 11.36 14.82
N LEU C 206 -3.78 11.38 15.29
CA LEU C 206 -4.47 10.17 15.81
C LEU C 206 -5.34 9.56 14.71
N ASN C 207 -5.15 8.28 14.48
CA ASN C 207 -5.97 7.52 13.51
C ASN C 207 -7.14 6.92 14.28
N PHE C 208 -8.28 7.59 14.23
CA PHE C 208 -9.51 7.13 14.91
C PHE C 208 -10.22 6.02 14.11
N GLY C 209 -10.02 5.97 12.80
CA GLY C 209 -10.66 4.99 11.91
C GLY C 209 -12.12 5.31 11.67
N SER C 210 -12.88 4.30 11.26
CA SER C 210 -14.27 4.48 10.80
C SER C 210 -15.15 4.76 12.02
N GLY C 211 -16.17 5.60 11.83
CA GLY C 211 -17.11 5.92 12.91
C GLY C 211 -18.17 6.83 12.37
N HIS C 212 -18.05 8.12 12.69
CA HIS C 212 -18.88 9.17 12.06
C HIS C 212 -18.80 9.10 10.52
N ALA C 213 -17.60 8.99 9.95
CA ALA C 213 -17.39 8.86 8.50
C ALA C 213 -16.53 7.63 8.23
N TRP C 214 -16.12 7.45 6.98
CA TRP C 214 -15.27 6.30 6.57
C TRP C 214 -13.96 6.28 7.35
N GLY C 215 -13.33 7.43 7.59
CA GLY C 215 -12.03 7.44 8.28
C GLY C 215 -11.78 8.78 8.94
N MET C 216 -11.66 8.78 10.26
CA MET C 216 -11.59 10.02 11.05
C MET C 216 -10.13 10.20 11.52
N LEU C 217 -9.60 11.42 11.44
CA LEU C 217 -8.30 11.74 12.09
C LEU C 217 -8.52 12.80 13.16
N GLY C 218 -7.80 12.64 14.25
CA GLY C 218 -7.72 13.64 15.29
C GLY C 218 -6.30 14.15 15.40
N LEU C 219 -6.09 15.10 16.32
CA LEU C 219 -4.76 15.66 16.63
C LEU C 219 -4.61 15.68 18.14
N HIS C 220 -3.44 15.28 18.60
CA HIS C 220 -3.02 15.42 20.01
C HIS C 220 -1.88 16.43 20.03
N VAL C 221 -2.14 17.58 20.63
CA VAL C 221 -1.16 18.68 20.72
C VAL C 221 -0.71 18.82 22.18
N GLU C 222 0.59 18.86 22.40
CA GLU C 222 1.17 19.11 23.75
C GLU C 222 1.81 20.52 23.72
N LEU C 223 1.16 21.50 24.33
CA LEU C 223 1.71 22.89 24.40
C LEU C 223 2.43 23.08 25.74
N PRO C 224 3.58 23.76 25.77
CA PRO C 224 4.32 24.00 27.02
C PRO C 224 3.52 24.69 28.14
N GLU C 225 2.66 25.68 27.82
CA GLU C 225 1.90 26.41 28.86
C GLU C 225 0.55 25.74 29.08
N THR C 226 -0.18 25.42 28.01
CA THR C 226 -1.60 24.99 28.09
C THR C 226 -1.66 23.48 28.44
N GLY C 227 -0.61 22.72 28.12
CA GLY C 227 -0.59 21.25 28.28
C GLY C 227 -1.29 20.59 27.10
N GLY C 228 -2.02 19.50 27.34
CA GLY C 228 -2.50 18.63 26.25
C GLY C 228 -3.87 19.04 25.71
N ILE C 229 -4.04 18.93 24.39
CA ILE C 229 -5.33 19.20 23.71
C ILE C 229 -5.56 18.07 22.70
N ILE C 230 -6.75 17.47 22.74
CA ILE C 230 -7.25 16.55 21.69
C ILE C 230 -8.25 17.30 20.82
N LEU C 231 -7.97 17.40 19.51
CA LEU C 231 -8.94 17.86 18.51
C LEU C 231 -9.66 16.62 18.01
N ALA C 232 -10.91 16.49 18.43
CA ALA C 232 -11.76 15.31 18.14
C ALA C 232 -12.50 15.46 16.81
N SER C 233 -12.72 16.71 16.38
CA SER C 233 -13.64 17.03 15.26
C SER C 233 -14.97 16.27 15.42
N ASP C 234 -15.49 15.64 14.35
CA ASP C 234 -16.82 14.96 14.40
C ASP C 234 -16.75 13.56 15.01
N ALA C 235 -15.61 13.09 15.52
CA ALA C 235 -15.60 11.91 16.41
C ALA C 235 -16.52 12.21 17.61
N ILE C 236 -16.64 13.48 18.01
CA ILE C 236 -17.51 13.91 19.15
C ILE C 236 -18.09 15.29 18.85
N TYR C 237 -19.36 15.34 18.49
CA TYR C 237 -20.02 16.60 18.11
C TYR C 237 -20.00 17.62 19.28
N THR C 238 -20.48 17.22 20.46
CA THR C 238 -20.76 18.12 21.61
C THR C 238 -20.50 17.38 22.93
N ALA C 239 -20.58 18.11 24.04
CA ALA C 239 -20.49 17.59 25.42
C ALA C 239 -21.65 16.61 25.63
N GLU C 240 -22.80 16.86 25.03
CA GLU C 240 -23.99 15.98 25.15
C GLU C 240 -23.66 14.60 24.49
N SER C 241 -23.02 14.61 23.30
CA SER C 241 -22.49 13.39 22.64
C SER C 241 -21.58 12.62 23.61
N TYR C 242 -20.66 13.34 24.26
CA TYR C 242 -19.57 12.78 25.08
C TYR C 242 -20.11 12.17 26.37
N GLY C 243 -21.17 12.73 26.97
CA GLY C 243 -21.70 12.26 28.28
C GLY C 243 -20.55 12.07 29.29
N PRO C 244 -20.40 10.90 29.98
CA PRO C 244 -21.16 9.68 29.73
C PRO C 244 -22.58 9.73 30.28
N PRO C 245 -23.54 8.95 29.74
CA PRO C 245 -23.26 7.96 28.71
C PRO C 245 -23.23 8.62 27.32
N ILE C 246 -22.71 7.90 26.32
CA ILE C 246 -22.53 8.45 24.95
C ILE C 246 -23.92 8.64 24.31
N LYS C 247 -24.16 9.76 23.65
CA LYS C 247 -25.36 9.97 22.81
C LYS C 247 -24.91 10.07 21.35
N PRO C 248 -25.00 8.98 20.57
CA PRO C 248 -24.52 9.02 19.20
C PRO C 248 -25.37 9.89 18.28
N PRO C 249 -24.80 10.32 17.14
CA PRO C 249 -25.51 11.07 16.11
C PRO C 249 -26.55 10.25 15.32
N GLY C 250 -27.43 10.95 14.59
CA GLY C 250 -28.69 10.41 14.02
C GLY C 250 -28.42 9.56 12.80
N ILE C 251 -27.31 9.83 12.14
CA ILE C 251 -26.78 8.96 11.07
C ILE C 251 -25.29 8.73 11.37
N ILE C 252 -24.78 7.56 11.00
CA ILE C 252 -23.40 7.18 11.38
C ILE C 252 -22.92 6.21 10.32
N TYR C 253 -21.65 6.24 9.92
CA TYR C 253 -21.16 5.19 9.01
C TYR C 253 -20.97 3.87 9.78
N ASP C 254 -20.17 3.88 10.86
CA ASP C 254 -19.78 2.66 11.60
C ASP C 254 -20.12 2.88 13.07
N SER C 255 -21.30 2.47 13.52
CA SER C 255 -21.75 2.76 14.91
C SER C 255 -20.74 2.18 15.90
N LEU C 256 -20.25 0.96 15.70
CA LEU C 256 -19.34 0.30 16.67
C LEU C 256 -18.05 1.11 16.74
N GLY C 257 -17.47 1.45 15.58
CA GLY C 257 -16.25 2.26 15.53
C GLY C 257 -16.47 3.61 16.21
N TYR C 258 -17.64 4.21 16.05
CA TYR C 258 -17.98 5.53 16.64
C TYR C 258 -17.90 5.40 18.17
N MET C 259 -18.60 4.41 18.73
CA MET C 259 -18.65 4.19 20.20
C MET C 259 -17.23 3.89 20.71
N ASN C 260 -16.48 2.98 20.06
CA ASN C 260 -15.09 2.67 20.48
C ASN C 260 -14.22 3.96 20.44
N THR C 261 -14.41 4.80 19.43
CA THR C 261 -13.58 6.02 19.27
C THR C 261 -13.89 6.95 20.45
N VAL C 262 -15.15 7.14 20.82
CA VAL C 262 -15.45 8.09 21.93
C VAL C 262 -14.76 7.63 23.21
N GLU C 263 -14.78 6.32 23.51
CA GLU C 263 -14.20 5.78 24.77
C GLU C 263 -12.68 5.82 24.67
N ARG C 264 -12.13 5.66 23.48
CA ARG C 264 -10.66 5.77 23.31
C ARG C 264 -10.22 7.19 23.63
N ILE C 265 -10.93 8.17 23.08
CA ILE C 265 -10.64 9.61 23.32
C ILE C 265 -10.77 9.89 24.83
N ARG C 266 -11.84 9.44 25.48
CA ARG C 266 -12.03 9.59 26.95
C ARG C 266 -10.81 9.05 27.72
N ARG C 267 -10.29 7.88 27.34
CA ARG C 267 -9.15 7.22 28.03
C ARG C 267 -7.84 8.01 27.77
N ILE C 268 -7.60 8.41 26.52
CA ILE C 268 -6.41 9.24 26.19
C ILE C 268 -6.47 10.54 27.00
N ALA C 269 -7.63 11.21 27.10
CA ALA C 269 -7.76 12.47 27.84
C ALA C 269 -7.40 12.25 29.32
N GLN C 270 -7.90 11.16 29.92
CA GLN C 270 -7.61 10.72 31.32
C GLN C 270 -6.12 10.43 31.50
N GLU C 271 -5.50 9.62 30.67
CA GLU C 271 -4.11 9.15 30.85
C GLU C 271 -3.12 10.30 30.58
N THR C 272 -3.42 11.27 29.71
CA THR C 272 -2.46 12.36 29.37
C THR C 272 -2.91 13.70 29.99
N LYS C 273 -4.00 13.73 30.75
CA LYS C 273 -4.59 14.98 31.34
C LYS C 273 -4.78 16.03 30.23
N SER C 274 -5.48 15.68 29.16
CA SER C 274 -5.71 16.57 27.99
C SER C 274 -7.14 17.08 28.02
N GLN C 275 -7.36 18.30 27.53
CA GLN C 275 -8.71 18.80 27.20
C GLN C 275 -9.18 18.13 25.90
N VAL C 276 -10.48 17.95 25.76
CA VAL C 276 -11.09 17.43 24.52
C VAL C 276 -11.87 18.58 23.88
N TRP C 277 -11.47 18.96 22.68
CA TRP C 277 -12.17 20.00 21.88
C TRP C 277 -13.09 19.30 20.86
N PHE C 278 -14.37 19.52 21.03
CA PHE C 278 -15.46 18.85 20.28
C PHE C 278 -15.54 19.50 18.90
N GLY C 279 -16.17 18.80 17.97
CA GLY C 279 -16.36 19.34 16.62
C GLY C 279 -17.23 20.60 16.59
N HIS C 280 -18.36 20.64 17.29
CA HIS C 280 -19.43 21.65 17.00
C HIS C 280 -20.22 21.99 18.27
N ASP C 281 -19.53 22.27 19.36
CA ASP C 281 -20.17 22.52 20.67
C ASP C 281 -20.27 24.04 20.87
N ALA C 282 -21.47 24.61 20.67
CA ALA C 282 -21.70 26.08 20.78
C ALA C 282 -21.18 26.60 22.14
N GLU C 283 -21.46 25.92 23.25
CA GLU C 283 -21.08 26.44 24.59
C GLU C 283 -19.56 26.32 24.79
N GLN C 284 -18.92 25.20 24.44
CA GLN C 284 -17.45 25.12 24.51
C GLN C 284 -16.79 26.21 23.64
N PHE C 285 -17.30 26.41 22.43
CA PHE C 285 -16.65 27.28 21.42
C PHE C 285 -16.67 28.72 21.95
N LYS C 286 -17.78 29.08 22.60
CA LYS C 286 -17.97 30.44 23.19
C LYS C 286 -16.79 30.75 24.12
N LYS C 287 -16.31 29.75 24.86
CA LYS C 287 -15.30 29.93 25.92
C LYS C 287 -13.90 29.97 25.30
N PHE C 288 -13.68 29.52 24.05
CA PHE C 288 -12.31 29.50 23.47
C PHE C 288 -11.87 30.95 23.27
N ARG C 289 -10.57 31.19 23.37
CA ARG C 289 -9.94 32.44 22.87
C ARG C 289 -9.79 32.26 21.36
N LYS C 290 -10.42 33.09 20.57
CA LYS C 290 -10.36 33.00 19.10
C LYS C 290 -9.23 33.86 18.54
N SER C 291 -9.04 33.76 17.23
CA SER C 291 -7.86 34.33 16.54
C SER C 291 -7.93 35.87 16.56
N THR C 292 -9.08 36.45 16.93
CA THR C 292 -9.24 37.93 17.01
C THR C 292 -8.75 38.45 18.37
N GLU C 293 -8.53 37.56 19.34
CA GLU C 293 -8.08 37.93 20.71
C GLU C 293 -6.75 37.31 21.05
N GLY C 294 -6.37 36.18 20.44
CA GLY C 294 -5.08 35.57 20.74
C GLY C 294 -5.00 34.08 20.39
N TYR C 295 -4.32 33.32 21.25
CA TYR C 295 -3.74 31.99 20.92
C TYR C 295 -3.43 31.27 22.23
N TYR C 296 -3.05 30.00 22.11
CA TYR C 296 -2.68 29.09 23.21
C TYR C 296 -1.21 28.77 23.01
N GLU C 297 -0.38 29.01 24.02
CA GLU C 297 0.96 28.37 24.11
C GLU C 297 0.93 27.31 25.25
CAJ A1AI3 D . 17.37 -20.10 -7.14
CAI A1AI3 D . 16.81 -18.71 -6.91
CAH A1AI3 D . 17.49 -18.08 -5.71
CAG A1AI3 D . 16.45 -17.50 -4.77
CAF A1AI3 D . 16.42 -16.00 -4.90
CAE A1AI3 D . 16.55 -15.36 -3.52
CAD A1AI3 D . 17.97 -15.57 -3.00
CAC A1AI3 D . 18.47 -14.29 -2.33
OAO A1AI3 D . 17.78 -13.28 -2.38
N A1AI3 D . 19.69 -14.42 -1.77
CA A1AI3 D . 20.48 -13.41 -1.01
C A1AI3 D . 19.67 -12.79 0.15
OXT A1AI3 D . 20.19 -12.76 1.29
O A1AI3 D . 18.60 -12.27 -0.17
CB A1AI3 D . 21.01 -12.31 -1.91
CAL A1AI3 D . 21.92 -11.42 -1.09
OAQ A1AI3 D . 21.16 -10.58 -0.23
CO CO E . 18.19 -12.46 2.37
S SO4 F . 7.55 -0.61 16.80
O1 SO4 F . 6.52 -1.40 17.48
O2 SO4 F . 7.68 0.70 17.43
O3 SO4 F . 8.84 -1.31 16.88
O4 SO4 F . 7.14 -0.42 15.40
S SO4 G . 5.23 -11.33 24.12
O1 SO4 G . 4.41 -10.33 24.77
O2 SO4 G . 5.39 -12.47 25.00
O3 SO4 G . 6.52 -10.79 23.80
O4 SO4 G . 4.58 -11.74 22.90
FE FE H . 21.52 -10.66 2.19
CAJ A1AI3 I . 6.22 2.42 -15.00
CAI A1AI3 I . 5.92 1.05 -14.42
CAH A1AI3 I . 4.76 0.45 -15.18
CAG A1AI3 I . 3.92 -0.37 -14.22
CAF A1AI3 I . 4.21 -1.83 -14.38
CAE A1AI3 I . 2.89 -2.58 -14.38
CAD A1AI3 I . 2.26 -2.45 -15.77
CAC A1AI3 I . 1.62 -3.77 -16.17
OAO A1AI3 I . 1.84 -4.75 -15.48
N A1AI3 I . 0.88 -3.70 -17.29
CA A1AI3 I . 0.09 -4.77 -17.97
C A1AI3 I . -0.82 -5.59 -16.99
OXT A1AI3 I . -0.25 -6.07 -16.02
O A1AI3 I . -2.04 -5.77 -17.28
CB A1AI3 I . 0.97 -5.69 -18.80
CAL A1AI3 I . 0.11 -6.64 -19.61
OAQ A1AI3 I . -0.52 -7.58 -18.77
CO CO J . -2.86 -6.25 -15.45
FE FE K . -2.94 -7.64 -18.88
S SO4 L . -14.50 -20.72 -4.41
O1 SO4 L . -15.13 -20.10 -3.26
O2 SO4 L . -13.05 -20.77 -4.18
O3 SO4 L . -14.81 -19.94 -5.63
O4 SO4 L . -15.02 -22.07 -4.60
S SO4 M . -22.32 -11.42 0.25
O1 SO4 M . -22.74 -12.42 1.21
O2 SO4 M . -21.02 -10.94 0.62
O3 SO4 M . -23.27 -10.33 0.23
O4 SO4 M . -22.25 -12.00 -1.07
CAJ A1AI3 N . -28.39 13.84 2.37
CAI A1AI3 N . -28.15 13.27 3.75
CAH A1AI3 N . -26.66 13.30 4.03
CAG A1AI3 N . -26.44 13.81 5.44
CAF A1AI3 N . -25.68 12.76 6.24
CAE A1AI3 N . -24.28 13.27 6.54
CAD A1AI3 N . -24.19 13.85 7.94
CAC A1AI3 N . -23.61 15.26 7.82
OAO A1AI3 N . -23.99 16.01 6.94
N A1AI3 N . -22.69 15.59 8.69
CA A1AI3 N . -22.04 16.88 8.67
C A1AI3 N . -20.74 16.71 9.45
OXT A1AI3 N . -20.92 16.60 10.67
O A1AI3 N . -19.64 16.88 8.90
CB A1AI3 N . -22.93 17.89 9.41
CAL A1AI3 N . -22.11 18.96 10.13
OAQ A1AI3 N . -21.52 18.45 11.31
CO CO O . -18.64 15.20 9.49
FE FE P . -18.86 18.55 11.01
S SO4 Q . -3.59 5.44 21.44
O1 SO4 Q . -5.00 5.10 21.69
O2 SO4 Q . -2.91 5.64 22.70
O3 SO4 Q . -3.49 6.67 20.65
O4 SO4 Q . -2.97 4.34 20.70
#